data_1P3D
#
_entry.id   1P3D
#
_cell.length_a   74.920
_cell.length_b   87.328
_cell.length_c   86.113
_cell.angle_alpha   90.00
_cell.angle_beta   104.86
_cell.angle_gamma   90.00
#
_symmetry.space_group_name_H-M   'P 1 21 1'
#
loop_
_entity.id
_entity.type
_entity.pdbx_description
1 polymer 'UDP-N-acetylmuramate--alanine ligase'
2 non-polymer 'MANGANESE (II) ION'
3 non-polymer "URIDINE-5'-DIPHOSPHATE-N-ACETYLMURAMOYL-L-ALANINE"
4 non-polymer 'PHOSPHOAMINOPHOSPHONIC ACID-ADENYLATE ESTER'
5 water water
#
_entity_poly.entity_id   1
_entity_poly.type   'polypeptide(L)'
_entity_poly.pdbx_seq_one_letter_code
;(MSE)KHSHEEIRKIIPE(MSE)RRVQQIHFIGIGGAG(MSE)SGIAEILLNEGYQISGSDIADGVVTQRLAQAGAKIYI
GHAEEHIEGASVVVVSSAIKDDNPELVTSKQKRIPVIQRAQ(MSE)LAEI(MSE)RFRHGIAVAGTHGKTTTTA(MSE)I
S(MSE)IYTQAKLDPTFVNGGLVKSAGKNAHLGASRYLIAEADESDASFLHLQP(MSE)VSVVTN(MSE)EPDH(MSE)D
TYEGDFEK(MSE)KATYVKFLHNLPFYGLAV(MSE)CADDPVL(MSE)ELVPKVGRQVITYGFSEQADYRIEDYEQTGFQ
GHYTVICPNNERINVLLNVPGKHNALNATAALAVAKEEGIANEAILEALADFQGAGRRFDQLGEFIRPNGKVRLVDDYGH
HPTEVGVTIKAAREGWGDKRIV(MSE)IFQPHRYSRTRDLFDDFVQVLSQVDALI(MSE)LDVYAAGEAPIVGADSKSLC
RSIRNLGKVDPILVSDTSQLGDVLDQIIQDGDLILAQGAGSVSKISRGLAESWKN
;
_entity_poly.pdbx_strand_id   A,B
#
loop_
_chem_comp.id
_chem_comp.type
_chem_comp.name
_chem_comp.formula
ANP non-polymer 'PHOSPHOAMINOPHOSPHONIC ACID-ADENYLATE ESTER' 'C10 H17 N6 O12 P3'
MN non-polymer 'MANGANESE (II) ION' 'Mn 2'
#
# COMPACT_ATOMS: atom_id res chain seq x y z
N ILE A 11 -18.32 16.17 -10.19
CA ILE A 11 -18.93 16.27 -11.56
C ILE A 11 -18.96 17.71 -12.08
N ILE A 12 -19.33 17.85 -13.35
CA ILE A 12 -19.63 19.14 -13.97
C ILE A 12 -20.99 19.59 -13.42
N PRO A 13 -21.11 20.85 -13.01
CA PRO A 13 -22.39 21.38 -12.50
C PRO A 13 -23.52 21.15 -13.51
N GLU A 14 -24.74 21.00 -12.98
CA GLU A 14 -25.93 20.89 -13.79
C GLU A 14 -26.06 22.11 -14.69
N MSE A 15 -26.59 21.91 -15.90
CA MSE A 15 -26.96 23.02 -16.77
C MSE A 15 -27.88 23.94 -15.96
O MSE A 15 -28.87 23.48 -15.38
CB MSE A 15 -27.68 22.54 -18.02
CG MSE A 15 -26.81 21.73 -18.99
SE MSE A 15 -27.82 21.16 -20.54
CE MSE A 15 -28.70 19.59 -19.76
N ARG A 16 -27.53 25.23 -15.92
CA ARG A 16 -28.20 26.18 -15.04
C ARG A 16 -29.72 26.20 -15.17
N ARG A 17 -30.40 26.01 -14.05
CA ARG A 17 -31.86 26.04 -13.95
C ARG A 17 -32.58 24.99 -14.82
N VAL A 18 -31.84 24.00 -15.30
CA VAL A 18 -32.44 22.95 -16.11
C VAL A 18 -32.85 21.80 -15.18
N GLN A 19 -34.15 21.76 -14.91
CA GLN A 19 -34.74 20.76 -14.02
C GLN A 19 -35.31 19.63 -14.84
N GLN A 20 -36.13 19.98 -15.83
CA GLN A 20 -36.81 19.01 -16.66
C GLN A 20 -36.55 19.28 -18.13
N ILE A 21 -36.17 18.23 -18.84
CA ILE A 21 -35.93 18.31 -20.28
C ILE A 21 -37.01 17.52 -20.98
N HIS A 22 -37.74 18.19 -21.85
CA HIS A 22 -38.82 17.56 -22.59
C HIS A 22 -38.41 17.34 -24.04
N PHE A 23 -38.66 16.11 -24.51
CA PHE A 23 -38.28 15.71 -25.86
C PHE A 23 -39.53 15.51 -26.71
N ILE A 24 -39.66 16.27 -27.79
CA ILE A 24 -40.72 16.00 -28.75
C ILE A 24 -40.18 15.08 -29.85
N GLY A 25 -40.61 13.82 -29.82
CA GLY A 25 -40.08 12.78 -30.68
C GLY A 25 -39.04 11.94 -29.97
N ILE A 26 -39.28 11.66 -28.69
CA ILE A 26 -38.29 11.04 -27.81
C ILE A 26 -37.88 9.61 -28.21
N GLY A 27 -38.72 8.92 -28.98
CA GLY A 27 -38.38 7.58 -29.44
C GLY A 27 -37.38 7.55 -30.58
N GLY A 28 -37.02 8.72 -31.09
CA GLY A 28 -36.07 8.85 -32.18
C GLY A 28 -34.72 8.20 -31.91
N ALA A 29 -34.04 7.76 -32.97
CA ALA A 29 -32.75 7.08 -32.87
C ALA A 29 -31.68 7.94 -32.20
N GLY A 30 -31.69 9.24 -32.47
CA GLY A 30 -30.77 10.18 -31.84
C GLY A 30 -31.33 10.77 -30.56
N MSE A 31 -32.63 11.08 -30.58
CA MSE A 31 -33.33 11.66 -29.45
C MSE A 31 -33.26 10.77 -28.20
O MSE A 31 -32.93 11.26 -27.12
CB MSE A 31 -34.79 11.93 -29.81
CG MSE A 31 -34.99 13.02 -30.85
SE MSE A 31 -34.78 14.79 -30.10
CE MSE A 31 -36.59 14.92 -29.35
N SER A 32 -33.55 9.49 -28.37
CA SER A 32 -33.59 8.56 -27.25
C SER A 32 -32.28 8.47 -26.48
N GLY A 33 -31.17 8.48 -27.22
CA GLY A 33 -29.85 8.38 -26.63
C GLY A 33 -29.50 9.62 -25.83
N ILE A 34 -29.85 10.78 -26.38
CA ILE A 34 -29.64 12.04 -25.68
C ILE A 34 -30.45 12.02 -24.38
N ALA A 35 -31.71 11.61 -24.48
CA ALA A 35 -32.58 11.48 -23.32
C ALA A 35 -32.01 10.55 -22.26
N GLU A 36 -31.48 9.41 -22.70
CA GLU A 36 -30.90 8.44 -21.77
C GLU A 36 -29.64 8.95 -21.07
N ILE A 37 -28.75 9.64 -21.79
CA ILE A 37 -27.58 10.27 -21.17
C ILE A 37 -28.03 11.22 -20.06
N LEU A 38 -28.96 12.11 -20.39
CA LEU A 38 -29.41 13.13 -19.44
C LEU A 38 -30.19 12.54 -18.27
N LEU A 39 -30.97 11.50 -18.54
CA LEU A 39 -31.65 10.77 -17.48
C LEU A 39 -30.62 10.24 -16.49
N ASN A 40 -29.54 9.67 -17.01
CA ASN A 40 -28.52 9.08 -16.17
C ASN A 40 -27.56 10.08 -15.52
N GLU A 41 -27.61 11.33 -15.98
CA GLU A 41 -26.88 12.41 -15.32
C GLU A 41 -27.70 13.02 -14.19
N GLY A 42 -28.98 12.67 -14.12
CA GLY A 42 -29.81 13.04 -12.99
C GLY A 42 -30.93 14.01 -13.32
N TYR A 43 -31.09 14.37 -14.59
CA TYR A 43 -32.15 15.28 -15.00
C TYR A 43 -33.50 14.57 -15.03
N GLN A 44 -34.56 15.32 -14.74
CA GLN A 44 -35.91 14.83 -14.98
C GLN A 44 -36.16 14.86 -16.47
N ILE A 45 -36.64 13.75 -17.01
CA ILE A 45 -36.88 13.62 -18.44
C ILE A 45 -38.36 13.39 -18.71
N SER A 46 -38.90 14.16 -19.63
CA SER A 46 -40.23 13.91 -20.16
C SER A 46 -40.13 13.88 -21.68
N GLY A 47 -41.14 13.33 -22.32
CA GLY A 47 -41.12 13.30 -23.76
C GLY A 47 -42.41 12.79 -24.34
N SER A 48 -42.62 13.11 -25.61
CA SER A 48 -43.74 12.59 -26.35
C SER A 48 -43.26 11.92 -27.62
N ASP A 49 -44.05 10.97 -28.09
CA ASP A 49 -43.80 10.33 -29.37
C ASP A 49 -45.12 9.82 -29.89
N ILE A 50 -45.27 9.82 -31.21
CA ILE A 50 -46.51 9.33 -31.82
C ILE A 50 -46.62 7.81 -31.75
N ALA A 51 -45.50 7.15 -31.48
CA ALA A 51 -45.45 5.70 -31.41
C ALA A 51 -44.84 5.21 -30.10
N ASP A 52 -45.43 4.15 -29.55
CA ASP A 52 -44.86 3.46 -28.40
C ASP A 52 -44.16 2.19 -28.86
N GLY A 53 -42.88 2.05 -28.50
CA GLY A 53 -42.14 0.84 -28.83
C GLY A 53 -41.09 0.51 -27.80
N VAL A 54 -40.14 -0.33 -28.19
CA VAL A 54 -39.05 -0.78 -27.31
C VAL A 54 -38.27 0.41 -26.72
N VAL A 55 -38.05 1.44 -27.55
CA VAL A 55 -37.27 2.60 -27.14
C VAL A 55 -38.00 3.43 -26.07
N THR A 56 -39.26 3.79 -26.32
CA THR A 56 -40.02 4.57 -25.35
C THR A 56 -40.31 3.78 -24.07
N GLN A 57 -40.55 2.48 -24.22
CA GLN A 57 -40.79 1.61 -23.06
C GLN A 57 -39.55 1.51 -22.16
N ARG A 58 -38.37 1.39 -22.78
CA ARG A 58 -37.11 1.38 -22.06
C ARG A 58 -36.88 2.68 -21.30
N LEU A 59 -37.16 3.81 -21.94
CA LEU A 59 -37.02 5.12 -21.31
C LEU A 59 -37.99 5.29 -20.14
N ALA A 60 -39.24 4.88 -20.34
CA ALA A 60 -40.26 4.96 -19.31
C ALA A 60 -39.91 4.10 -18.08
N GLN A 61 -39.40 2.90 -18.33
CA GLN A 61 -38.98 1.99 -17.26
C GLN A 61 -37.82 2.56 -16.44
N ALA A 62 -36.99 3.36 -17.10
CA ALA A 62 -35.83 4.00 -16.47
C ALA A 62 -36.21 5.29 -15.73
N GLY A 63 -37.46 5.72 -15.85
CA GLY A 63 -37.94 6.86 -15.09
C GLY A 63 -38.32 8.10 -15.90
N ALA A 64 -38.17 8.03 -17.22
CA ALA A 64 -38.65 9.12 -18.08
C ALA A 64 -40.17 9.12 -18.11
N LYS A 65 -40.76 10.31 -18.08
CA LYS A 65 -42.21 10.45 -18.20
C LYS A 65 -42.58 10.54 -19.68
N ILE A 66 -43.14 9.46 -20.21
CA ILE A 66 -43.39 9.33 -21.65
C ILE A 66 -44.87 9.41 -21.98
N TYR A 67 -45.20 10.29 -22.93
CA TYR A 67 -46.56 10.43 -23.42
C TYR A 67 -46.65 10.00 -24.87
N ILE A 68 -47.67 9.22 -25.21
CA ILE A 68 -47.86 8.76 -26.59
C ILE A 68 -48.93 9.60 -27.28
N GLY A 69 -48.58 10.19 -28.41
CA GLY A 69 -49.39 11.21 -29.06
C GLY A 69 -48.97 12.56 -28.54
N HIS A 70 -49.30 13.62 -29.29
CA HIS A 70 -48.91 14.97 -28.92
C HIS A 70 -50.07 15.79 -28.38
N ALA A 71 -49.79 16.52 -27.29
CA ALA A 71 -50.76 17.42 -26.67
C ALA A 71 -50.01 18.50 -25.91
N GLU A 72 -50.53 19.72 -25.92
CA GLU A 72 -49.84 20.85 -25.31
C GLU A 72 -49.58 20.69 -23.81
N GLU A 73 -50.42 19.94 -23.12
CA GLU A 73 -50.24 19.67 -21.70
C GLU A 73 -48.97 18.87 -21.38
N HIS A 74 -48.46 18.14 -22.38
CA HIS A 74 -47.29 17.27 -22.20
C HIS A 74 -46.00 18.02 -21.87
N ILE A 75 -45.94 19.32 -22.16
CA ILE A 75 -44.74 20.11 -21.89
C ILE A 75 -44.68 20.67 -20.47
N GLU A 76 -45.75 20.46 -19.69
CA GLU A 76 -45.80 20.90 -18.30
C GLU A 76 -44.52 20.57 -17.53
N GLY A 77 -43.92 21.59 -16.94
CA GLY A 77 -42.73 21.43 -16.12
C GLY A 77 -41.42 21.60 -16.85
N ALA A 78 -41.44 21.56 -18.18
CA ALA A 78 -40.22 21.60 -18.98
C ALA A 78 -39.42 22.89 -18.77
N SER A 79 -38.12 22.72 -18.58
CA SER A 79 -37.18 23.85 -18.48
C SER A 79 -36.67 24.17 -19.88
N VAL A 80 -36.65 23.14 -20.72
CA VAL A 80 -36.18 23.23 -22.10
C VAL A 80 -36.87 22.14 -22.90
N VAL A 81 -37.15 22.44 -24.17
CA VAL A 81 -37.78 21.49 -25.06
C VAL A 81 -36.82 21.17 -26.20
N VAL A 82 -36.52 19.89 -26.35
CA VAL A 82 -35.63 19.38 -27.40
C VAL A 82 -36.49 18.74 -28.49
N VAL A 83 -36.23 19.10 -29.74
CA VAL A 83 -37.14 18.77 -30.84
C VAL A 83 -36.42 17.99 -31.94
N SER A 84 -37.01 16.87 -32.34
CA SER A 84 -36.53 16.11 -33.48
C SER A 84 -36.91 16.87 -34.75
N SER A 85 -36.07 16.78 -35.78
CA SER A 85 -36.40 17.41 -37.05
C SER A 85 -37.57 16.73 -37.76
N ALA A 86 -38.02 15.60 -37.21
CA ALA A 86 -39.21 14.90 -37.71
C ALA A 86 -40.51 15.61 -37.32
N ILE A 87 -40.43 16.46 -36.30
CA ILE A 87 -41.59 17.16 -35.75
C ILE A 87 -42.04 18.30 -36.69
N LYS A 88 -43.33 18.34 -36.97
CA LYS A 88 -43.93 19.40 -37.79
C LYS A 88 -43.99 20.71 -37.04
N ASP A 89 -43.94 21.82 -37.78
CA ASP A 89 -43.98 23.17 -37.20
C ASP A 89 -45.24 23.45 -36.38
N ASP A 90 -46.33 22.77 -36.71
CA ASP A 90 -47.61 22.98 -36.02
C ASP A 90 -47.90 21.99 -34.89
N ASN A 91 -46.89 21.20 -34.53
CA ASN A 91 -46.96 20.33 -33.36
C ASN A 91 -47.41 21.14 -32.14
N PRO A 92 -48.44 20.69 -31.44
CA PRO A 92 -49.03 21.47 -30.34
C PRO A 92 -48.04 21.73 -29.20
N GLU A 93 -47.16 20.76 -28.92
CA GLU A 93 -46.14 20.92 -27.90
C GLU A 93 -45.12 21.96 -28.30
N LEU A 94 -44.73 21.93 -29.57
CA LEU A 94 -43.78 22.89 -30.13
C LEU A 94 -44.34 24.31 -30.10
N VAL A 95 -45.58 24.46 -30.58
CA VAL A 95 -46.23 25.76 -30.64
C VAL A 95 -46.42 26.36 -29.24
N THR A 96 -46.91 25.55 -28.30
CA THR A 96 -47.13 25.98 -26.92
C THR A 96 -45.82 26.36 -26.21
N SER A 97 -44.77 25.58 -26.44
CA SER A 97 -43.46 25.87 -25.87
C SER A 97 -42.96 27.26 -26.28
N LYS A 98 -43.13 27.59 -27.56
CA LYS A 98 -42.70 28.87 -28.09
C LYS A 98 -43.55 30.02 -27.54
N GLN A 99 -44.86 29.76 -27.39
CA GLN A 99 -45.80 30.71 -26.80
C GLN A 99 -45.44 31.03 -25.34
N LYS A 100 -45.01 29.99 -24.62
CA LYS A 100 -44.67 30.12 -23.20
C LYS A 100 -43.22 30.54 -22.97
N ARG A 101 -42.49 30.75 -24.07
CA ARG A 101 -41.09 31.20 -24.06
C ARG A 101 -40.17 30.23 -23.32
N ILE A 102 -40.50 28.95 -23.38
CA ILE A 102 -39.61 27.90 -22.91
C ILE A 102 -38.58 27.70 -24.02
N PRO A 103 -37.29 27.67 -23.67
CA PRO A 103 -36.26 27.43 -24.68
C PRO A 103 -36.57 26.18 -25.50
N VAL A 104 -36.59 26.34 -26.82
CA VAL A 104 -36.83 25.25 -27.74
C VAL A 104 -35.60 25.08 -28.62
N ILE A 105 -35.01 23.88 -28.59
CA ILE A 105 -33.75 23.65 -29.30
C ILE A 105 -33.79 22.37 -30.11
N GLN A 106 -32.99 22.35 -31.17
CA GLN A 106 -32.83 21.13 -31.96
C GLN A 106 -32.18 20.04 -31.15
N ARG A 107 -32.54 18.80 -31.47
CA ARG A 107 -31.85 17.61 -31.01
C ARG A 107 -30.33 17.83 -30.98
N ALA A 108 -29.76 18.25 -32.10
CA ALA A 108 -28.30 18.39 -32.18
C ALA A 108 -27.75 19.47 -31.27
N GLN A 109 -28.55 20.48 -30.94
CA GLN A 109 -28.08 21.48 -29.96
C GLN A 109 -27.93 20.86 -28.58
N MSE A 110 -28.86 19.98 -28.21
CA MSE A 110 -28.71 19.30 -26.93
C MSE A 110 -27.55 18.33 -26.97
O MSE A 110 -26.81 18.20 -26.00
CB MSE A 110 -30.00 18.61 -26.49
CG MSE A 110 -29.92 18.01 -25.09
SE MSE A 110 -29.42 19.32 -23.69
CE MSE A 110 -31.15 19.90 -23.31
N LEU A 111 -27.37 17.67 -28.12
CA LEU A 111 -26.18 16.84 -28.31
C LEU A 111 -24.91 17.68 -28.13
N ALA A 112 -24.93 18.89 -28.67
CA ALA A 112 -23.81 19.82 -28.53
C ALA A 112 -23.51 20.13 -27.07
N GLU A 113 -24.57 20.26 -26.27
CA GLU A 113 -24.39 20.52 -24.84
C GLU A 113 -23.79 19.33 -24.12
N ILE A 114 -24.14 18.12 -24.53
CA ILE A 114 -23.49 16.93 -24.01
C ILE A 114 -22.01 16.95 -24.39
N MSE A 115 -21.72 17.45 -25.59
CA MSE A 115 -20.35 17.52 -26.07
C MSE A 115 -19.54 18.68 -25.48
O MSE A 115 -18.32 18.62 -25.49
CB MSE A 115 -20.34 17.63 -27.60
CG MSE A 115 -18.97 17.40 -28.19
SE MSE A 115 -19.02 17.31 -30.13
CE MSE A 115 -19.72 15.54 -30.32
N ARG A 116 -20.21 19.73 -25.00
CA ARG A 116 -19.52 20.99 -24.69
C ARG A 116 -18.28 20.82 -23.82
N PHE A 117 -18.42 20.11 -22.71
CA PHE A 117 -17.32 19.95 -21.76
C PHE A 117 -16.67 18.58 -21.84
N ARG A 118 -16.90 17.92 -22.97
CA ARG A 118 -16.32 16.62 -23.23
C ARG A 118 -15.35 16.67 -24.40
N HIS A 119 -14.55 15.62 -24.54
CA HIS A 119 -13.68 15.44 -25.68
C HIS A 119 -14.50 14.75 -26.76
N GLY A 120 -15.05 15.56 -27.66
CA GLY A 120 -15.98 15.09 -28.68
C GLY A 120 -15.30 14.50 -29.90
N ILE A 121 -15.72 13.30 -30.27
CA ILE A 121 -15.35 12.71 -31.55
C ILE A 121 -16.64 12.58 -32.33
N ALA A 122 -16.80 13.44 -33.33
CA ALA A 122 -18.04 13.54 -34.08
C ALA A 122 -17.87 12.81 -35.40
N VAL A 123 -18.87 11.99 -35.76
CA VAL A 123 -18.81 11.21 -36.99
C VAL A 123 -19.86 11.68 -37.99
N ALA A 124 -19.38 12.27 -39.08
CA ALA A 124 -20.23 12.82 -40.12
C ALA A 124 -19.94 12.12 -41.44
N GLY A 125 -20.70 12.48 -42.47
CA GLY A 125 -20.58 11.84 -43.77
C GLY A 125 -21.93 11.38 -44.26
N THR A 126 -21.99 10.98 -45.53
CA THR A 126 -23.26 10.57 -46.09
C THR A 126 -23.65 9.16 -45.63
N HIS A 127 -22.69 8.24 -45.70
CA HIS A 127 -22.93 6.84 -45.35
C HIS A 127 -21.94 6.36 -44.32
N GLY A 128 -22.38 5.43 -43.47
CA GLY A 128 -21.50 4.79 -42.51
C GLY A 128 -21.28 5.48 -41.17
N LYS A 129 -22.01 6.55 -40.88
CA LYS A 129 -21.83 7.27 -39.61
C LYS A 129 -22.16 6.39 -38.41
N THR A 130 -23.34 5.77 -38.44
CA THR A 130 -23.79 4.93 -37.33
C THR A 130 -22.83 3.77 -37.11
N THR A 131 -22.41 3.16 -38.21
CA THR A 131 -21.46 2.04 -38.15
C THR A 131 -20.13 2.47 -37.54
N THR A 132 -19.57 3.55 -38.09
CA THR A 132 -18.28 4.07 -37.64
C THR A 132 -18.34 4.51 -36.18
N THR A 133 -19.44 5.17 -35.80
CA THR A 133 -19.62 5.60 -34.42
C THR A 133 -19.62 4.39 -33.47
N ALA A 134 -20.34 3.35 -33.84
CA ALA A 134 -20.36 2.11 -33.06
C ALA A 134 -18.96 1.53 -32.92
N MSE A 135 -18.21 1.55 -34.01
CA MSE A 135 -16.86 0.99 -34.00
C MSE A 135 -15.92 1.77 -33.10
O MSE A 135 -15.20 1.17 -32.29
CB MSE A 135 -16.29 0.96 -35.43
CG MSE A 135 -16.88 -0.13 -36.28
SE MSE A 135 -16.40 0.17 -38.13
CE MSE A 135 -17.18 -1.38 -38.89
N ILE A 136 -15.93 3.09 -33.22
CA ILE A 136 -15.09 3.94 -32.36
C ILE A 136 -15.50 3.77 -30.89
N SER A 137 -16.81 3.72 -30.65
CA SER A 137 -17.32 3.51 -29.30
C SER A 137 -16.78 2.23 -28.69
N MSE A 138 -16.81 1.15 -29.47
CA MSE A 138 -16.31 -0.14 -28.98
C MSE A 138 -14.80 -0.18 -28.79
O MSE A 138 -14.31 -0.82 -27.86
CB MSE A 138 -16.80 -1.28 -29.88
CG MSE A 138 -18.31 -1.48 -29.84
SE MSE A 138 -19.06 -1.60 -28.03
CE MSE A 138 -19.58 0.22 -27.76
N ILE A 139 -14.06 0.51 -29.66
CA ILE A 139 -12.60 0.59 -29.50
C ILE A 139 -12.25 1.32 -28.21
N TYR A 140 -12.91 2.45 -27.97
CA TYR A 140 -12.63 3.25 -26.78
C TYR A 140 -13.04 2.51 -25.51
N THR A 141 -14.13 1.74 -25.59
CA THR A 141 -14.55 0.86 -24.50
C THR A 141 -13.48 -0.21 -24.25
N GLN A 142 -13.01 -0.83 -25.32
CA GLN A 142 -11.98 -1.87 -25.23
C GLN A 142 -10.68 -1.31 -24.65
N ALA A 143 -10.37 -0.07 -24.99
CA ALA A 143 -9.16 0.62 -24.50
C ALA A 143 -9.28 1.01 -23.02
N LYS A 144 -10.41 0.67 -22.41
CA LYS A 144 -10.71 0.98 -21.01
C LYS A 144 -10.81 2.49 -20.74
N LEU A 145 -11.29 3.22 -21.74
CA LEU A 145 -11.39 4.68 -21.66
C LEU A 145 -12.76 5.14 -21.21
N ASP A 146 -13.69 4.19 -21.05
CA ASP A 146 -15.01 4.44 -20.51
C ASP A 146 -15.73 5.63 -21.20
N PRO A 147 -15.91 5.56 -22.52
CA PRO A 147 -16.48 6.70 -23.23
C PRO A 147 -17.97 6.82 -23.02
N THR A 148 -18.46 8.05 -23.13
CA THR A 148 -19.87 8.27 -23.38
C THR A 148 -20.03 8.18 -24.88
N PHE A 149 -21.10 7.55 -25.33
CA PHE A 149 -21.44 7.61 -26.76
C PHE A 149 -22.91 7.86 -27.00
N VAL A 150 -23.21 8.57 -28.08
CA VAL A 150 -24.57 8.76 -28.55
C VAL A 150 -24.58 8.43 -30.03
N ASN A 151 -25.00 7.20 -30.33
CA ASN A 151 -25.10 6.71 -31.69
C ASN A 151 -26.52 6.83 -32.21
N GLY A 152 -26.65 7.01 -33.53
CA GLY A 152 -27.96 7.08 -34.18
C GLY A 152 -28.50 5.73 -34.58
N GLY A 153 -28.15 4.71 -33.79
CA GLY A 153 -28.58 3.36 -34.05
C GLY A 153 -28.08 2.46 -32.93
N LEU A 154 -28.63 1.25 -32.89
CA LEU A 154 -28.31 0.29 -31.84
C LEU A 154 -26.89 -0.23 -31.97
N VAL A 155 -26.12 -0.08 -30.90
CA VAL A 155 -24.80 -0.69 -30.80
C VAL A 155 -25.03 -2.07 -30.18
N LYS A 156 -24.82 -3.12 -30.96
CA LYS A 156 -25.23 -4.47 -30.55
C LYS A 156 -24.55 -4.98 -29.28
N SER A 157 -23.28 -4.61 -29.08
CA SER A 157 -22.53 -4.98 -27.88
C SER A 157 -22.96 -4.17 -26.65
N ALA A 158 -23.83 -3.19 -26.86
CA ALA A 158 -24.38 -2.41 -25.76
C ALA A 158 -25.87 -2.67 -25.55
N GLY A 159 -26.55 -3.14 -26.59
CA GLY A 159 -27.99 -3.35 -26.53
C GLY A 159 -28.77 -2.05 -26.46
N LYS A 160 -28.14 -0.98 -26.90
CA LYS A 160 -28.70 0.37 -26.84
C LYS A 160 -27.93 1.32 -27.75
N ASN A 161 -28.45 2.53 -27.92
CA ASN A 161 -27.86 3.52 -28.82
C ASN A 161 -26.83 4.42 -28.15
N ALA A 162 -26.92 4.53 -26.83
CA ALA A 162 -26.12 5.51 -26.10
C ALA A 162 -25.73 4.98 -24.73
N HIS A 163 -24.61 5.48 -24.21
CA HIS A 163 -24.12 5.07 -22.91
C HIS A 163 -23.37 6.21 -22.25
N LEU A 164 -23.68 6.44 -20.97
CA LEU A 164 -22.97 7.44 -20.19
C LEU A 164 -21.75 6.82 -19.51
N GLY A 165 -20.58 7.27 -19.93
CA GLY A 165 -19.33 6.87 -19.28
C GLY A 165 -18.90 7.93 -18.29
N ALA A 166 -17.92 7.58 -17.45
CA ALA A 166 -17.41 8.50 -16.44
C ALA A 166 -16.19 9.30 -16.90
N SER A 167 -15.71 9.01 -18.10
CA SER A 167 -14.59 9.74 -18.69
C SER A 167 -15.10 11.02 -19.32
N ARG A 168 -14.19 11.74 -19.97
CA ARG A 168 -14.56 12.96 -20.67
C ARG A 168 -14.79 12.74 -22.15
N TYR A 169 -14.62 11.49 -22.61
CA TYR A 169 -14.79 11.18 -24.04
C TYR A 169 -16.26 11.14 -24.43
N LEU A 170 -16.57 11.70 -25.60
CA LEU A 170 -17.89 11.53 -26.19
C LEU A 170 -17.72 11.16 -27.65
N ILE A 171 -18.29 10.03 -28.03
CA ILE A 171 -18.33 9.63 -29.44
C ILE A 171 -19.76 9.81 -29.87
N ALA A 172 -19.97 10.58 -30.94
CA ALA A 172 -21.32 10.91 -31.35
C ALA A 172 -21.49 10.99 -32.85
N GLU A 173 -22.59 10.43 -33.33
CA GLU A 173 -22.95 10.56 -34.73
C GLU A 173 -23.48 11.98 -34.98
N ALA A 174 -23.05 12.59 -36.09
CA ALA A 174 -23.38 13.97 -36.44
C ALA A 174 -24.17 14.04 -37.75
N ASP A 175 -25.47 14.29 -37.63
CA ASP A 175 -26.38 14.31 -38.77
C ASP A 175 -26.26 15.61 -39.58
N GLU A 176 -26.09 15.46 -40.89
CA GLU A 176 -26.03 16.61 -41.81
C GLU A 176 -27.37 16.85 -42.52
N SER A 177 -28.33 15.94 -42.33
CA SER A 177 -29.59 15.95 -43.08
C SER A 177 -30.36 17.26 -42.98
N ASP A 178 -30.26 17.90 -41.83
CA ASP A 178 -30.89 19.19 -41.57
C ASP A 178 -29.84 20.26 -41.27
N ALA A 179 -28.58 19.91 -41.55
CA ALA A 179 -27.43 20.76 -41.27
C ALA A 179 -27.25 21.05 -39.77
N SER A 180 -27.92 20.28 -38.92
CA SER A 180 -27.92 20.58 -37.49
C SER A 180 -26.60 20.24 -36.81
N PHE A 181 -25.73 19.49 -37.50
CA PHE A 181 -24.42 19.16 -36.93
C PHE A 181 -23.51 20.38 -36.71
N LEU A 182 -23.91 21.53 -37.27
CA LEU A 182 -23.20 22.78 -37.06
C LEU A 182 -23.21 23.25 -35.60
N HIS A 183 -24.08 22.66 -34.78
CA HIS A 183 -24.09 22.98 -33.35
C HIS A 183 -22.88 22.38 -32.63
N LEU A 184 -22.35 21.30 -33.19
CA LEU A 184 -21.36 20.49 -32.50
C LEU A 184 -19.98 21.14 -32.48
N GLN A 185 -19.31 21.03 -31.33
CA GLN A 185 -17.94 21.53 -31.19
C GLN A 185 -17.00 20.40 -30.76
N PRO A 186 -16.59 19.57 -31.73
CA PRO A 186 -15.78 18.40 -31.42
C PRO A 186 -14.29 18.69 -31.35
N MSE A 187 -13.55 17.74 -30.79
CA MSE A 187 -12.08 17.74 -30.83
C MSE A 187 -11.57 17.03 -32.07
O MSE A 187 -10.50 17.35 -32.59
CB MSE A 187 -11.51 17.06 -29.57
CG MSE A 187 -11.82 17.76 -28.27
SE MSE A 187 -10.94 19.47 -28.16
CE MSE A 187 -12.40 20.62 -28.62
N VAL A 188 -12.34 16.04 -32.53
CA VAL A 188 -12.00 15.23 -33.70
C VAL A 188 -13.28 15.03 -34.49
N SER A 189 -13.21 15.25 -35.80
CA SER A 189 -14.38 15.04 -36.66
C SER A 189 -14.03 14.08 -37.78
N VAL A 190 -14.83 13.03 -37.92
CA VAL A 190 -14.69 12.09 -39.03
C VAL A 190 -15.65 12.51 -40.12
N VAL A 191 -15.21 12.47 -41.37
CA VAL A 191 -16.13 12.56 -42.50
C VAL A 191 -15.89 11.35 -43.37
N THR A 192 -16.88 10.48 -43.44
CA THR A 192 -16.71 9.18 -44.08
C THR A 192 -16.74 9.26 -45.59
N ASN A 193 -17.56 10.16 -46.12
CA ASN A 193 -17.77 10.29 -47.55
C ASN A 193 -18.75 11.42 -47.77
N MSE A 194 -18.91 11.87 -49.01
CA MSE A 194 -19.94 12.84 -49.31
C MSE A 194 -20.55 12.61 -50.68
O MSE A 194 -19.88 12.73 -51.71
CB MSE A 194 -19.41 14.27 -49.19
CG MSE A 194 -20.54 15.28 -49.08
SE MSE A 194 -19.93 17.08 -49.40
CE MSE A 194 -18.43 17.11 -48.16
N GLU A 195 -21.84 12.28 -50.66
CA GLU A 195 -22.62 12.10 -51.87
C GLU A 195 -23.97 12.79 -51.66
N PRO A 196 -24.65 13.18 -52.74
CA PRO A 196 -25.98 13.78 -52.62
C PRO A 196 -27.01 12.88 -51.92
N ASP A 197 -27.46 13.37 -50.77
CA ASP A 197 -28.66 12.88 -50.11
C ASP A 197 -29.24 14.08 -49.34
N HIS A 198 -30.51 14.01 -48.97
CA HIS A 198 -31.16 15.08 -48.20
C HIS A 198 -31.09 16.41 -48.95
N MSE A 199 -31.13 16.36 -50.27
CA MSE A 199 -30.76 17.51 -51.08
C MSE A 199 -31.72 18.70 -50.98
O MSE A 199 -31.32 19.85 -51.23
CB MSE A 199 -30.49 17.09 -52.53
CG MSE A 199 -29.18 16.30 -52.67
SE MSE A 199 -27.66 17.20 -51.75
CE MSE A 199 -27.53 18.62 -53.02
N ASP A 200 -32.96 18.44 -50.58
CA ASP A 200 -33.94 19.48 -50.29
C ASP A 200 -33.44 20.51 -49.26
N THR A 201 -32.73 20.02 -48.24
CA THR A 201 -32.11 20.87 -47.22
C THR A 201 -31.10 21.84 -47.85
N TYR A 202 -30.46 21.37 -48.91
CA TYR A 202 -29.38 22.12 -49.54
C TYR A 202 -29.82 22.75 -50.87
N GLU A 203 -31.14 22.88 -51.01
CA GLU A 203 -31.77 23.48 -52.19
C GLU A 203 -31.29 22.81 -53.48
N GLY A 204 -31.11 21.49 -53.42
CA GLY A 204 -30.64 20.71 -54.56
C GLY A 204 -29.23 21.06 -55.03
N ASP A 205 -28.51 21.83 -54.23
CA ASP A 205 -27.18 22.31 -54.61
C ASP A 205 -26.09 21.60 -53.82
N PHE A 206 -25.37 20.70 -54.48
CA PHE A 206 -24.31 19.93 -53.83
C PHE A 206 -23.17 20.80 -53.31
N GLU A 207 -22.96 21.94 -53.96
CA GLU A 207 -21.95 22.91 -53.52
C GLU A 207 -22.30 23.50 -52.14
N LYS A 208 -23.61 23.65 -51.88
CA LYS A 208 -24.07 24.10 -50.56
C LYS A 208 -23.84 23.04 -49.50
N MSE A 209 -24.00 21.77 -49.87
CA MSE A 209 -23.66 20.68 -48.96
C MSE A 209 -22.17 20.69 -48.64
O MSE A 209 -21.77 20.53 -47.49
CB MSE A 209 -24.07 19.32 -49.52
CG MSE A 209 -23.68 18.18 -48.58
SE MSE A 209 -24.38 16.45 -49.17
CE MSE A 209 -26.00 16.47 -48.16
N LYS A 210 -21.34 20.88 -49.67
CA LYS A 210 -19.89 20.93 -49.49
C LYS A 210 -19.51 22.06 -48.54
N ALA A 211 -20.08 23.24 -48.79
CA ALA A 211 -19.82 24.42 -47.97
C ALA A 211 -20.22 24.18 -46.52
N THR A 212 -21.33 23.48 -46.32
CA THR A 212 -21.83 23.17 -44.99
C THR A 212 -20.90 22.22 -44.23
N TYR A 213 -20.38 21.21 -44.92
CA TYR A 213 -19.41 20.31 -44.30
C TYR A 213 -18.11 21.05 -43.94
N VAL A 214 -17.69 21.99 -44.78
CA VAL A 214 -16.51 22.79 -44.48
C VAL A 214 -16.75 23.62 -43.22
N LYS A 215 -17.92 24.27 -43.16
CA LYS A 215 -18.33 25.01 -41.96
C LYS A 215 -18.32 24.12 -40.72
N PHE A 216 -18.82 22.90 -40.88
CA PHE A 216 -18.81 21.93 -39.78
C PHE A 216 -17.38 21.65 -39.31
N LEU A 217 -16.49 21.38 -40.25
CA LEU A 217 -15.09 21.13 -39.90
C LEU A 217 -14.42 22.34 -39.27
N HIS A 218 -14.85 23.54 -39.67
CA HIS A 218 -14.33 24.76 -39.05
C HIS A 218 -14.73 24.95 -37.60
N ASN A 219 -15.66 24.11 -37.12
CA ASN A 219 -15.99 24.08 -35.69
C ASN A 219 -14.87 23.46 -34.84
N LEU A 220 -14.00 22.66 -35.48
CA LEU A 220 -12.84 22.11 -34.78
C LEU A 220 -11.98 23.24 -34.25
N PRO A 221 -11.35 23.05 -33.08
CA PRO A 221 -10.38 24.02 -32.59
C PRO A 221 -9.19 24.05 -33.55
N PHE A 222 -8.36 25.10 -33.47
CA PHE A 222 -7.23 25.22 -34.40
C PHE A 222 -6.34 23.98 -34.38
N TYR A 223 -6.31 23.29 -33.25
CA TYR A 223 -5.44 22.13 -33.04
C TYR A 223 -6.21 20.81 -33.23
N GLY A 224 -7.47 20.91 -33.62
CA GLY A 224 -8.33 19.75 -33.80
C GLY A 224 -7.99 18.92 -35.02
N LEU A 225 -8.65 17.77 -35.14
CA LEU A 225 -8.30 16.81 -36.17
C LEU A 225 -9.50 16.41 -36.99
N ALA A 226 -9.35 16.48 -38.31
CA ALA A 226 -10.35 15.95 -39.23
C ALA A 226 -9.82 14.64 -39.81
N VAL A 227 -10.63 13.60 -39.71
CA VAL A 227 -10.31 12.29 -40.27
C VAL A 227 -11.25 12.06 -41.45
N MSE A 228 -10.69 11.99 -42.65
CA MSE A 228 -11.49 11.99 -43.87
C MSE A 228 -11.08 10.86 -44.80
O MSE A 228 -9.91 10.53 -44.91
CB MSE A 228 -11.34 13.33 -44.58
CG MSE A 228 -11.13 14.51 -43.62
SE MSE A 228 -11.37 16.23 -44.49
CE MSE A 228 -13.01 15.93 -44.95
N CYS A 229 -12.06 10.27 -45.49
CA CYS A 229 -11.78 9.16 -46.39
C CYS A 229 -11.02 9.60 -47.64
N ALA A 230 -9.81 9.06 -47.80
CA ALA A 230 -8.94 9.37 -48.94
C ALA A 230 -9.51 8.94 -50.29
N ASP A 231 -10.48 8.02 -50.26
CA ASP A 231 -11.04 7.41 -51.47
C ASP A 231 -12.21 8.22 -52.01
N ASP A 232 -12.60 9.25 -51.27
CA ASP A 232 -13.68 10.12 -51.70
C ASP A 232 -13.10 11.38 -52.34
N PRO A 233 -13.31 11.55 -53.65
CA PRO A 233 -12.71 12.67 -54.38
C PRO A 233 -13.25 14.02 -53.93
N VAL A 234 -14.51 14.07 -53.50
CA VAL A 234 -15.09 15.30 -52.98
C VAL A 234 -14.37 15.70 -51.70
N LEU A 235 -14.18 14.76 -50.78
CA LEU A 235 -13.47 15.04 -49.55
C LEU A 235 -12.04 15.51 -49.83
N MSE A 236 -11.37 14.83 -50.76
CA MSE A 236 -9.99 15.18 -51.11
C MSE A 236 -9.90 16.57 -51.75
O MSE A 236 -8.97 17.33 -51.45
CB MSE A 236 -9.35 14.11 -51.97
CG MSE A 236 -9.10 12.80 -51.21
SE MSE A 236 -8.12 13.03 -49.52
CE MSE A 236 -9.63 13.19 -48.30
N GLU A 237 -10.88 16.91 -52.58
CA GLU A 237 -10.95 18.25 -53.18
C GLU A 237 -11.09 19.33 -52.10
N LEU A 238 -11.81 18.99 -51.03
CA LEU A 238 -12.09 19.93 -49.96
C LEU A 238 -10.97 20.12 -48.95
N VAL A 239 -9.98 19.23 -48.95
CA VAL A 239 -8.90 19.28 -47.95
C VAL A 239 -8.25 20.69 -47.79
N PRO A 240 -7.87 21.36 -48.87
CA PRO A 240 -7.30 22.72 -48.76
C PRO A 240 -8.20 23.72 -48.02
N LYS A 241 -9.50 23.48 -48.00
CA LYS A 241 -10.45 24.40 -47.36
C LYS A 241 -10.62 24.16 -45.87
N VAL A 242 -10.12 23.03 -45.36
CA VAL A 242 -10.40 22.62 -43.99
C VAL A 242 -9.67 23.50 -42.95
N GLY A 243 -8.40 23.79 -43.20
CA GLY A 243 -7.63 24.67 -42.33
C GLY A 243 -7.38 24.08 -40.95
N ARG A 244 -7.46 22.76 -40.87
CA ARG A 244 -7.11 22.01 -39.66
C ARG A 244 -6.32 20.81 -40.14
N GLN A 245 -5.61 20.15 -39.23
CA GLN A 245 -4.92 18.93 -39.59
C GLN A 245 -5.92 17.93 -40.15
N VAL A 246 -5.60 17.38 -41.32
CA VAL A 246 -6.41 16.34 -41.95
C VAL A 246 -5.62 15.05 -41.96
N ILE A 247 -6.22 13.99 -41.42
CA ILE A 247 -5.68 12.65 -41.53
C ILE A 247 -6.63 11.86 -42.42
N THR A 248 -6.09 11.14 -43.41
CA THR A 248 -6.94 10.41 -44.33
C THR A 248 -6.79 8.89 -44.19
N TYR A 249 -7.78 8.17 -44.69
CA TYR A 249 -7.79 6.72 -44.61
C TYR A 249 -8.45 6.16 -45.86
N GLY A 250 -8.05 4.94 -46.22
CA GLY A 250 -8.70 4.27 -47.34
C GLY A 250 -7.74 3.43 -48.14
N PHE A 251 -8.23 2.97 -49.29
CA PHE A 251 -7.43 2.14 -50.18
C PHE A 251 -6.43 2.96 -51.01
N SER A 252 -6.67 4.27 -51.08
CA SER A 252 -5.84 5.16 -51.88
C SER A 252 -4.37 5.05 -51.51
N GLU A 253 -3.51 5.07 -52.54
CA GLU A 253 -2.07 5.10 -52.35
C GLU A 253 -1.60 6.30 -51.51
N GLN A 254 -2.40 7.37 -51.51
CA GLN A 254 -2.09 8.60 -50.78
C GLN A 254 -2.58 8.62 -49.33
N ALA A 255 -3.32 7.58 -48.93
CA ALA A 255 -3.95 7.58 -47.60
C ALA A 255 -2.93 7.53 -46.48
N ASP A 256 -3.17 8.33 -45.42
CA ASP A 256 -2.32 8.30 -44.23
C ASP A 256 -2.43 6.96 -43.53
N TYR A 257 -3.66 6.45 -43.46
CA TYR A 257 -3.92 5.09 -42.97
C TYR A 257 -4.43 4.31 -44.15
N ARG A 258 -3.52 3.55 -44.78
CA ARG A 258 -3.80 2.90 -46.06
C ARG A 258 -4.18 1.44 -45.90
N ILE A 259 -5.29 1.05 -46.53
CA ILE A 259 -5.77 -0.33 -46.51
C ILE A 259 -5.19 -1.09 -47.68
N GLU A 260 -4.64 -2.27 -47.41
CA GLU A 260 -4.10 -3.14 -48.44
C GLU A 260 -4.58 -4.57 -48.24
N ASP A 261 -4.58 -5.34 -49.32
CA ASP A 261 -4.79 -6.79 -49.28
C ASP A 261 -6.14 -7.17 -48.65
N TYR A 262 -7.19 -6.41 -48.97
CA TYR A 262 -8.51 -6.73 -48.44
C TYR A 262 -9.02 -8.04 -49.02
N GLU A 263 -9.47 -8.92 -48.13
CA GLU A 263 -10.13 -10.16 -48.51
C GLU A 263 -11.33 -10.36 -47.61
N GLN A 264 -12.48 -10.69 -48.19
CA GLN A 264 -13.65 -11.07 -47.41
C GLN A 264 -13.78 -12.58 -47.39
N THR A 265 -13.85 -13.16 -46.20
CA THR A 265 -14.11 -14.58 -46.04
C THR A 265 -15.38 -14.76 -45.23
N GLY A 266 -16.40 -15.32 -45.88
CA GLY A 266 -17.73 -15.36 -45.30
C GLY A 266 -18.20 -13.93 -45.17
N PHE A 267 -18.46 -13.51 -43.94
CA PHE A 267 -18.86 -12.14 -43.68
C PHE A 267 -17.88 -11.42 -42.76
N GLN A 268 -16.63 -11.88 -42.79
CA GLN A 268 -15.53 -11.22 -42.10
C GLN A 268 -14.58 -10.62 -43.13
N GLY A 269 -13.95 -9.50 -42.78
CA GLY A 269 -12.93 -8.91 -43.63
C GLY A 269 -11.54 -9.09 -43.05
N HIS A 270 -10.56 -9.26 -43.93
CA HIS A 270 -9.16 -9.35 -43.54
C HIS A 270 -8.40 -8.33 -44.37
N TYR A 271 -7.56 -7.54 -43.71
CA TYR A 271 -6.73 -6.56 -44.41
C TYR A 271 -5.60 -6.03 -43.55
N THR A 272 -4.68 -5.34 -44.19
CA THR A 272 -3.60 -4.66 -43.49
C THR A 272 -3.83 -3.15 -43.59
N VAL A 273 -3.55 -2.45 -42.50
CA VAL A 273 -3.55 -1.00 -42.53
C VAL A 273 -2.12 -0.52 -42.34
N ILE A 274 -1.68 0.36 -43.22
CA ILE A 274 -0.35 0.97 -43.11
C ILE A 274 -0.50 2.37 -42.54
N CYS A 275 0.15 2.61 -41.41
CA CYS A 275 0.05 3.87 -40.68
C CYS A 275 1.07 4.90 -41.17
N PRO A 276 0.86 6.18 -40.83
CA PRO A 276 1.75 7.26 -41.29
C PRO A 276 3.25 7.03 -41.04
N ASN A 277 3.58 6.35 -39.94
CA ASN A 277 4.97 6.04 -39.60
C ASN A 277 5.41 4.68 -40.15
N ASN A 278 4.66 4.19 -41.14
CA ASN A 278 4.88 2.90 -41.79
C ASN A 278 4.62 1.66 -40.93
N GLU A 279 3.92 1.86 -39.81
CA GLU A 279 3.50 0.76 -38.95
C GLU A 279 2.43 -0.05 -39.68
N ARG A 280 2.65 -1.37 -39.75
CA ARG A 280 1.73 -2.27 -40.43
C ARG A 280 0.87 -3.02 -39.42
N ILE A 281 -0.44 -2.89 -39.56
CA ILE A 281 -1.39 -3.53 -38.65
C ILE A 281 -2.31 -4.48 -39.41
N ASN A 282 -2.26 -5.76 -39.05
CA ASN A 282 -3.12 -6.77 -39.65
C ASN A 282 -4.45 -6.83 -38.93
N VAL A 283 -5.53 -6.55 -39.67
CA VAL A 283 -6.85 -6.38 -39.08
C VAL A 283 -7.77 -7.54 -39.45
N LEU A 284 -8.47 -8.06 -38.44
CA LEU A 284 -9.60 -8.95 -38.67
C LEU A 284 -10.86 -8.17 -38.29
N LEU A 285 -11.73 -7.98 -39.27
CA LEU A 285 -12.97 -7.24 -39.05
C LEU A 285 -14.17 -8.19 -39.11
N ASN A 286 -14.99 -8.17 -38.06
CA ASN A 286 -16.07 -9.13 -37.89
C ASN A 286 -17.34 -8.77 -38.67
N VAL A 287 -17.21 -7.83 -39.60
CA VAL A 287 -18.31 -7.45 -40.48
C VAL A 287 -17.80 -7.40 -41.93
N PRO A 288 -18.68 -7.64 -42.89
CA PRO A 288 -18.27 -7.82 -44.30
C PRO A 288 -18.14 -6.52 -45.09
N GLY A 289 -17.41 -6.59 -46.19
CA GLY A 289 -17.42 -5.53 -47.18
C GLY A 289 -16.31 -4.51 -47.02
N LYS A 290 -15.82 -4.03 -48.16
CA LYS A 290 -14.81 -3.00 -48.19
C LYS A 290 -15.31 -1.71 -47.55
N HIS A 291 -16.61 -1.45 -47.68
CA HIS A 291 -17.20 -0.26 -47.07
C HIS A 291 -17.05 -0.31 -45.55
N ASN A 292 -17.14 -1.51 -44.97
CA ASN A 292 -16.94 -1.64 -43.53
C ASN A 292 -15.46 -1.57 -43.13
N ALA A 293 -14.58 -2.04 -44.01
CA ALA A 293 -13.14 -1.86 -43.83
C ALA A 293 -12.79 -0.37 -43.80
N LEU A 294 -13.43 0.40 -44.67
CA LEU A 294 -13.29 1.84 -44.64
C LEU A 294 -13.74 2.41 -43.30
N ASN A 295 -14.97 2.10 -42.92
CA ASN A 295 -15.51 2.56 -41.63
C ASN A 295 -14.59 2.20 -40.48
N ALA A 296 -14.07 0.97 -40.51
CA ALA A 296 -13.21 0.48 -39.44
C ALA A 296 -11.84 1.12 -39.47
N THR A 297 -11.45 1.66 -40.63
CA THR A 297 -10.17 2.34 -40.74
C THR A 297 -10.28 3.82 -40.34
N ALA A 298 -11.43 4.45 -40.60
CA ALA A 298 -11.74 5.70 -39.94
C ALA A 298 -11.57 5.51 -38.42
N ALA A 299 -12.18 4.44 -37.92
CA ALA A 299 -12.19 4.13 -36.49
C ALA A 299 -10.78 3.89 -35.96
N LEU A 300 -10.02 3.06 -36.68
CA LEU A 300 -8.64 2.77 -36.33
C LEU A 300 -7.78 4.04 -36.34
N ALA A 301 -7.98 4.89 -37.35
CA ALA A 301 -7.21 6.13 -37.51
C ALA A 301 -7.44 7.07 -36.33
N VAL A 302 -8.70 7.28 -35.97
CA VAL A 302 -9.04 8.10 -34.81
C VAL A 302 -8.35 7.53 -33.56
N ALA A 303 -8.49 6.23 -33.35
CA ALA A 303 -7.92 5.57 -32.18
C ALA A 303 -6.40 5.66 -32.11
N LYS A 304 -5.74 5.43 -33.25
CA LYS A 304 -4.29 5.54 -33.33
C LYS A 304 -3.81 6.98 -33.08
N GLU A 305 -4.54 7.95 -33.62
CA GLU A 305 -4.21 9.36 -33.45
C GLU A 305 -4.42 9.81 -32.00
N GLU A 306 -5.27 9.08 -31.28
CA GLU A 306 -5.54 9.33 -29.87
C GLU A 306 -4.51 8.63 -28.99
N GLY A 307 -3.72 7.75 -29.60
CA GLY A 307 -2.67 7.05 -28.89
C GLY A 307 -3.10 5.71 -28.31
N ILE A 308 -4.27 5.21 -28.75
CA ILE A 308 -4.77 3.91 -28.30
C ILE A 308 -3.90 2.78 -28.86
N ALA A 309 -3.57 1.81 -28.01
CA ALA A 309 -2.74 0.65 -28.39
C ALA A 309 -3.44 -0.24 -29.40
N ASN A 310 -2.65 -0.92 -30.23
CA ASN A 310 -3.16 -1.78 -31.31
C ASN A 310 -4.08 -2.88 -30.83
N GLU A 311 -3.75 -3.51 -29.72
CA GLU A 311 -4.49 -4.67 -29.23
C GLU A 311 -5.96 -4.33 -28.95
N ALA A 312 -6.20 -3.17 -28.34
CA ALA A 312 -7.56 -2.71 -28.06
C ALA A 312 -8.33 -2.48 -29.36
N ILE A 313 -7.69 -1.82 -30.32
CA ILE A 313 -8.29 -1.59 -31.63
C ILE A 313 -8.66 -2.91 -32.28
N LEU A 314 -7.69 -3.82 -32.32
CA LEU A 314 -7.84 -5.10 -33.00
C LEU A 314 -8.87 -6.00 -32.33
N GLU A 315 -8.86 -6.04 -30.99
CA GLU A 315 -9.83 -6.83 -30.24
C GLU A 315 -11.26 -6.36 -30.53
N ALA A 316 -11.46 -5.04 -30.51
CA ALA A 316 -12.77 -4.47 -30.75
C ALA A 316 -13.24 -4.73 -32.18
N LEU A 317 -12.33 -4.65 -33.14
CA LEU A 317 -12.70 -4.89 -34.54
C LEU A 317 -12.94 -6.37 -34.83
N ALA A 318 -12.16 -7.26 -34.21
CA ALA A 318 -12.31 -8.70 -34.40
C ALA A 318 -13.60 -9.25 -33.81
N ASP A 319 -14.09 -8.61 -32.76
CA ASP A 319 -15.30 -9.08 -32.10
C ASP A 319 -16.48 -8.14 -32.36
N PHE A 320 -16.30 -7.20 -33.28
CA PHE A 320 -17.33 -6.20 -33.56
C PHE A 320 -18.65 -6.86 -33.95
N GLN A 321 -19.68 -6.58 -33.16
CA GLN A 321 -20.97 -7.25 -33.31
C GLN A 321 -21.90 -6.48 -34.24
N GLY A 322 -21.47 -5.28 -34.62
CA GLY A 322 -22.22 -4.48 -35.57
C GLY A 322 -23.20 -3.52 -34.93
N ALA A 323 -23.91 -2.81 -35.78
CA ALA A 323 -25.03 -1.98 -35.36
C ALA A 323 -26.30 -2.69 -35.82
N GLY A 324 -27.40 -2.47 -35.10
CA GLY A 324 -28.67 -3.09 -35.45
C GLY A 324 -29.09 -2.65 -36.85
N ARG A 325 -29.71 -3.56 -37.60
CA ARG A 325 -30.23 -3.26 -38.93
C ARG A 325 -29.14 -2.99 -39.98
N ARG A 326 -27.86 -3.17 -39.64
CA ARG A 326 -26.79 -2.90 -40.59
C ARG A 326 -26.06 -4.20 -40.91
N PHE A 327 -26.35 -4.75 -42.09
CA PHE A 327 -26.03 -6.14 -42.45
C PHE A 327 -26.22 -7.06 -41.24
N ASP A 328 -27.45 -7.05 -40.73
CA ASP A 328 -27.82 -7.66 -39.46
C ASP A 328 -28.47 -9.01 -39.74
N GLN A 329 -27.75 -10.09 -39.45
CA GLN A 329 -28.25 -11.44 -39.70
C GLN A 329 -29.38 -11.79 -38.73
N LEU A 330 -30.56 -12.06 -39.28
CA LEU A 330 -31.73 -12.37 -38.46
C LEU A 330 -31.87 -13.88 -38.20
N GLY A 331 -31.20 -14.68 -39.02
CA GLY A 331 -31.15 -16.12 -38.84
C GLY A 331 -31.35 -16.92 -40.11
N GLU A 332 -31.45 -18.24 -39.94
CA GLU A 332 -31.72 -19.17 -41.03
C GLU A 332 -33.08 -19.83 -40.83
N PHE A 333 -33.83 -19.97 -41.91
CA PHE A 333 -35.19 -20.52 -41.84
C PHE A 333 -35.44 -21.55 -42.92
N ILE A 334 -36.03 -22.68 -42.53
CA ILE A 334 -36.41 -23.73 -43.48
C ILE A 334 -37.81 -23.44 -44.03
N ARG A 335 -37.85 -23.03 -45.29
CA ARG A 335 -39.11 -22.77 -45.99
C ARG A 335 -39.47 -23.96 -46.87
N PRO A 336 -40.76 -24.12 -47.20
CA PRO A 336 -41.22 -25.21 -48.08
C PRO A 336 -40.40 -25.38 -49.36
N ASN A 337 -39.83 -24.29 -49.88
CA ASN A 337 -39.03 -24.34 -51.11
C ASN A 337 -37.51 -24.28 -50.90
N GLY A 338 -37.09 -24.25 -49.61
CA GLY A 338 -35.68 -24.32 -49.27
C GLY A 338 -35.27 -23.57 -48.02
N LYS A 339 -34.05 -23.81 -47.57
CA LYS A 339 -33.48 -23.09 -46.43
C LYS A 339 -32.95 -21.73 -46.88
N VAL A 340 -33.37 -20.68 -46.19
CA VAL A 340 -32.97 -19.32 -46.54
C VAL A 340 -32.30 -18.58 -45.39
N ARG A 341 -31.53 -17.55 -45.73
CA ARG A 341 -30.94 -16.66 -44.74
C ARG A 341 -31.57 -15.28 -44.87
N LEU A 342 -32.03 -14.74 -43.75
CA LEU A 342 -32.63 -13.42 -43.73
C LEU A 342 -31.69 -12.40 -43.10
N VAL A 343 -31.34 -11.38 -43.88
CA VAL A 343 -30.47 -10.30 -43.43
C VAL A 343 -31.19 -8.97 -43.58
N ASP A 344 -31.16 -8.17 -42.53
CA ASP A 344 -31.74 -6.84 -42.53
C ASP A 344 -30.64 -5.82 -42.81
N ASP A 345 -30.89 -4.89 -43.73
CA ASP A 345 -29.94 -3.81 -43.96
C ASP A 345 -30.60 -2.45 -44.16
N TYR A 346 -30.01 -1.45 -43.50
CA TYR A 346 -30.52 -0.09 -43.44
C TYR A 346 -30.28 0.72 -44.71
N GLY A 347 -29.41 0.24 -45.59
CA GLY A 347 -29.08 0.93 -46.82
C GLY A 347 -30.30 1.45 -47.54
N HIS A 348 -30.29 2.75 -47.83
CA HIS A 348 -31.46 3.44 -48.38
C HIS A 348 -31.06 4.42 -49.48
N HIS A 349 -29.76 4.53 -49.73
CA HIS A 349 -29.21 5.34 -50.81
C HIS A 349 -28.64 4.32 -51.81
N PRO A 350 -28.71 4.60 -53.12
CA PRO A 350 -28.23 3.62 -54.11
C PRO A 350 -26.82 3.07 -53.81
N THR A 351 -25.93 3.95 -53.35
CA THR A 351 -24.56 3.55 -53.00
C THR A 351 -24.54 2.48 -51.91
N GLU A 352 -25.40 2.66 -50.90
CA GLU A 352 -25.48 1.76 -49.76
C GLU A 352 -26.06 0.42 -50.15
N VAL A 353 -27.13 0.46 -50.94
CA VAL A 353 -27.72 -0.75 -51.47
C VAL A 353 -26.66 -1.50 -52.29
N GLY A 354 -25.89 -0.76 -53.08
CA GLY A 354 -24.85 -1.31 -53.93
C GLY A 354 -23.77 -2.06 -53.16
N VAL A 355 -23.20 -1.43 -52.13
CA VAL A 355 -22.12 -2.05 -51.38
C VAL A 355 -22.61 -3.25 -50.58
N THR A 356 -23.86 -3.17 -50.13
CA THR A 356 -24.50 -4.26 -49.39
C THR A 356 -24.69 -5.51 -50.26
N ILE A 357 -25.23 -5.29 -51.47
CA ILE A 357 -25.34 -6.37 -52.46
C ILE A 357 -23.98 -7.02 -52.69
N LYS A 358 -22.95 -6.18 -52.90
CA LYS A 358 -21.60 -6.67 -53.18
C LYS A 358 -20.99 -7.45 -52.01
N ALA A 359 -21.23 -6.99 -50.78
CA ALA A 359 -20.75 -7.68 -49.58
C ALA A 359 -21.45 -9.03 -49.43
N ALA A 360 -22.75 -9.05 -49.71
CA ALA A 360 -23.53 -10.29 -49.69
C ALA A 360 -23.01 -11.29 -50.72
N ARG A 361 -22.69 -10.78 -51.91
CA ARG A 361 -22.15 -11.60 -53.01
C ARG A 361 -20.80 -12.21 -52.67
N GLU A 362 -19.96 -11.47 -51.96
CA GLU A 362 -18.62 -11.92 -51.61
C GLU A 362 -18.62 -12.89 -50.44
N GLY A 363 -19.76 -13.00 -49.77
CA GLY A 363 -19.91 -13.95 -48.68
C GLY A 363 -20.69 -15.19 -49.07
N TRP A 364 -21.68 -15.01 -49.94
CA TRP A 364 -22.57 -16.09 -50.35
C TRP A 364 -21.96 -16.94 -51.46
N GLY A 365 -21.72 -16.33 -52.62
CA GLY A 365 -21.06 -17.00 -53.73
C GLY A 365 -22.01 -17.63 -54.74
N ASP A 366 -22.34 -18.90 -54.49
CA ASP A 366 -23.13 -19.68 -55.45
C ASP A 366 -24.63 -19.41 -55.38
N LYS A 367 -25.12 -19.12 -54.18
CA LYS A 367 -26.56 -18.96 -53.96
C LYS A 367 -27.05 -17.51 -54.16
N ARG A 368 -28.35 -17.37 -54.34
CA ARG A 368 -28.97 -16.14 -54.82
C ARG A 368 -29.08 -15.02 -53.80
N ILE A 369 -29.09 -13.79 -54.30
CA ILE A 369 -29.47 -12.64 -53.50
C ILE A 369 -30.88 -12.23 -53.88
N VAL A 370 -31.79 -12.38 -52.92
CA VAL A 370 -33.18 -11.99 -53.08
C VAL A 370 -33.36 -10.74 -52.23
N MSE A 371 -33.93 -9.69 -52.81
CA MSE A 371 -34.09 -8.45 -52.08
C MSE A 371 -35.56 -8.07 -51.90
O MSE A 371 -36.35 -8.18 -52.85
CB MSE A 371 -33.31 -7.32 -52.75
CG MSE A 371 -33.57 -5.95 -52.12
SE MSE A 371 -32.25 -4.63 -52.64
CE MSE A 371 -30.71 -5.37 -51.68
N ILE A 372 -35.89 -7.64 -50.69
CA ILE A 372 -37.15 -6.96 -50.42
C ILE A 372 -36.76 -5.51 -50.20
N PHE A 373 -37.05 -4.65 -51.18
CA PHE A 373 -36.66 -3.25 -51.05
C PHE A 373 -37.84 -2.33 -50.80
N GLN A 374 -37.69 -1.51 -49.76
CA GLN A 374 -38.65 -0.46 -49.46
C GLN A 374 -37.94 0.87 -49.61
N PRO A 375 -38.31 1.64 -50.64
CA PRO A 375 -37.75 2.98 -50.84
C PRO A 375 -38.13 3.87 -49.67
N HIS A 376 -37.19 4.71 -49.24
CA HIS A 376 -37.44 5.63 -48.16
C HIS A 376 -37.49 7.04 -48.72
N ARG A 377 -38.65 7.69 -48.56
CA ARG A 377 -38.95 9.04 -49.05
C ARG A 377 -39.26 9.12 -50.54
N TYR A 378 -40.22 9.97 -50.87
CA TYR A 378 -40.50 10.30 -52.27
C TYR A 378 -39.42 11.22 -52.84
N SER A 379 -38.96 12.16 -52.00
CA SER A 379 -37.93 13.11 -52.42
C SER A 379 -36.66 12.39 -52.85
N ARG A 380 -36.24 11.42 -52.05
CA ARG A 380 -35.04 10.63 -52.33
C ARG A 380 -35.22 9.79 -53.60
N THR A 381 -36.38 9.16 -53.72
CA THR A 381 -36.72 8.37 -54.90
C THR A 381 -36.67 9.23 -56.16
N ARG A 382 -37.25 10.43 -56.08
CA ARG A 382 -37.20 11.39 -57.20
C ARG A 382 -35.76 11.79 -57.56
N ASP A 383 -35.00 12.21 -56.54
CA ASP A 383 -33.64 12.71 -56.73
C ASP A 383 -32.66 11.69 -57.31
N LEU A 384 -32.84 10.43 -56.92
CA LEU A 384 -31.87 9.38 -57.27
C LEU A 384 -32.52 8.22 -58.05
N PHE A 385 -33.63 8.53 -58.72
CA PHE A 385 -34.43 7.53 -59.42
C PHE A 385 -33.61 6.58 -60.30
N ASP A 386 -32.83 7.13 -61.21
CA ASP A 386 -32.09 6.33 -62.19
C ASP A 386 -31.07 5.42 -61.51
N ASP A 387 -30.44 5.93 -60.45
CA ASP A 387 -29.44 5.18 -59.69
C ASP A 387 -30.09 4.01 -58.95
N PHE A 388 -31.29 4.21 -58.41
CA PHE A 388 -32.04 3.15 -57.76
C PHE A 388 -32.37 2.05 -58.77
N VAL A 389 -32.83 2.46 -59.95
CA VAL A 389 -33.17 1.52 -61.02
C VAL A 389 -31.97 0.64 -61.35
N GLN A 390 -30.80 1.26 -61.48
CA GLN A 390 -29.58 0.55 -61.83
C GLN A 390 -29.16 -0.42 -60.73
N VAL A 391 -29.13 0.07 -59.48
CA VAL A 391 -28.67 -0.75 -58.37
C VAL A 391 -29.63 -1.91 -58.03
N LEU A 392 -30.93 -1.65 -58.06
CA LEU A 392 -31.92 -2.69 -57.73
C LEU A 392 -31.98 -3.79 -58.79
N SER A 393 -31.44 -3.50 -59.98
CA SER A 393 -31.37 -4.48 -61.06
C SER A 393 -30.21 -5.46 -60.90
N GLN A 394 -29.44 -5.29 -59.82
CA GLN A 394 -28.24 -6.11 -59.59
C GLN A 394 -28.50 -7.31 -58.68
N VAL A 395 -29.71 -7.40 -58.13
CA VAL A 395 -30.10 -8.58 -57.36
C VAL A 395 -30.72 -9.65 -58.26
N ASP A 396 -30.82 -10.87 -57.74
CA ASP A 396 -31.35 -12.00 -58.51
C ASP A 396 -32.87 -12.04 -58.51
N ALA A 397 -33.47 -11.69 -57.38
CA ALA A 397 -34.92 -11.59 -57.26
C ALA A 397 -35.25 -10.34 -56.46
N LEU A 398 -36.29 -9.63 -56.89
CA LEU A 398 -36.63 -8.37 -56.25
C LEU A 398 -38.11 -8.25 -55.92
N ILE A 399 -38.39 -8.15 -54.63
CA ILE A 399 -39.71 -7.75 -54.15
C ILE A 399 -39.62 -6.28 -53.78
N MSE A 400 -40.53 -5.49 -54.35
CA MSE A 400 -40.58 -4.06 -54.11
C MSE A 400 -41.76 -3.78 -53.17
O MSE A 400 -42.87 -4.27 -53.39
CB MSE A 400 -40.76 -3.32 -55.42
CG MSE A 400 -40.72 -1.81 -55.32
SE MSE A 400 -38.92 -1.02 -55.27
CE MSE A 400 -37.84 -2.47 -55.74
N LEU A 401 -41.48 -3.02 -52.12
CA LEU A 401 -42.54 -2.54 -51.24
C LEU A 401 -42.85 -1.10 -51.63
N ASP A 402 -44.01 -0.62 -51.23
CA ASP A 402 -44.39 0.77 -51.48
C ASP A 402 -43.43 1.72 -50.77
N VAL A 403 -43.31 2.93 -51.29
CA VAL A 403 -42.46 3.96 -50.69
C VAL A 403 -42.84 4.19 -49.23
N TYR A 404 -41.83 4.18 -48.35
CA TYR A 404 -42.00 4.63 -46.98
C TYR A 404 -41.94 6.15 -47.01
N ALA A 405 -43.09 6.79 -46.83
CA ALA A 405 -43.24 8.24 -47.02
C ALA A 405 -42.38 9.09 -46.08
N ALA A 406 -42.19 8.61 -44.84
CA ALA A 406 -41.46 9.33 -43.81
C ALA A 406 -41.98 10.77 -43.65
N GLY A 407 -43.30 10.91 -43.68
CA GLY A 407 -43.94 12.21 -43.53
C GLY A 407 -44.15 12.99 -44.81
N GLU A 408 -43.63 12.48 -45.92
CA GLU A 408 -43.68 13.20 -47.21
C GLU A 408 -44.95 12.91 -47.99
N ALA A 409 -45.49 13.94 -48.62
CA ALA A 409 -46.59 13.78 -49.57
C ALA A 409 -46.04 13.11 -50.83
N PRO A 410 -46.83 12.21 -51.45
CA PRO A 410 -46.40 11.53 -52.67
C PRO A 410 -45.96 12.52 -53.76
N ILE A 411 -44.89 12.17 -54.45
CA ILE A 411 -44.47 12.92 -55.63
C ILE A 411 -44.75 12.05 -56.85
N VAL A 412 -45.39 12.67 -57.84
CA VAL A 412 -45.71 12.00 -59.09
C VAL A 412 -44.45 11.42 -59.75
N GLY A 413 -44.53 10.15 -60.14
CA GLY A 413 -43.44 9.48 -60.83
C GLY A 413 -42.30 9.00 -59.93
N ALA A 414 -42.41 9.28 -58.64
CA ALA A 414 -41.38 8.90 -57.68
C ALA A 414 -41.88 7.85 -56.69
N ASP A 415 -42.67 6.91 -57.18
CA ASP A 415 -43.19 5.83 -56.34
C ASP A 415 -42.69 4.45 -56.79
N SER A 416 -43.03 3.43 -56.03
CA SER A 416 -42.54 2.07 -56.26
C SER A 416 -43.02 1.46 -57.57
N LYS A 417 -44.24 1.81 -57.97
CA LYS A 417 -44.77 1.39 -59.27
C LYS A 417 -43.89 1.91 -60.40
N SER A 418 -43.51 3.18 -60.28
CA SER A 418 -42.64 3.82 -61.29
C SER A 418 -41.25 3.18 -61.32
N LEU A 419 -40.70 2.89 -60.14
CA LEU A 419 -39.42 2.18 -60.05
C LEU A 419 -39.49 0.81 -60.70
N CYS A 420 -40.54 0.05 -60.38
CA CYS A 420 -40.77 -1.27 -60.95
C CYS A 420 -40.81 -1.24 -62.48
N ARG A 421 -41.54 -0.28 -63.03
CA ARG A 421 -41.66 -0.11 -64.48
C ARG A 421 -40.29 0.12 -65.13
N SER A 422 -39.50 0.99 -64.52
CA SER A 422 -38.17 1.34 -65.04
C SER A 422 -37.15 0.22 -64.87
N ILE A 423 -37.28 -0.54 -63.77
CA ILE A 423 -36.42 -1.71 -63.55
C ILE A 423 -36.76 -2.79 -64.57
N ARG A 424 -38.05 -3.02 -64.78
CA ARG A 424 -38.56 -3.97 -65.76
C ARG A 424 -38.05 -3.65 -67.16
N ASN A 425 -37.93 -2.35 -67.46
CA ASN A 425 -37.46 -1.89 -68.77
C ASN A 425 -35.99 -2.23 -69.03
N LEU A 426 -35.20 -2.34 -67.96
CA LEU A 426 -33.79 -2.71 -68.07
C LEU A 426 -33.60 -4.18 -68.43
N GLY A 427 -34.57 -5.01 -68.06
CA GLY A 427 -34.63 -6.40 -68.47
C GLY A 427 -33.64 -7.34 -67.79
N LYS A 428 -33.12 -6.94 -66.63
CA LYS A 428 -32.19 -7.76 -65.86
C LYS A 428 -32.95 -8.58 -64.81
N VAL A 429 -33.90 -7.93 -64.14
CA VAL A 429 -34.77 -8.59 -63.18
C VAL A 429 -36.21 -8.10 -63.39
N ASP A 430 -37.17 -8.99 -63.05
CA ASP A 430 -38.58 -8.63 -63.08
C ASP A 430 -39.10 -8.53 -61.64
N PRO A 431 -39.26 -7.29 -61.14
CA PRO A 431 -39.66 -7.09 -59.74
C PRO A 431 -41.13 -7.37 -59.49
N ILE A 432 -41.44 -7.84 -58.29
CA ILE A 432 -42.82 -8.04 -57.85
C ILE A 432 -43.12 -6.96 -56.82
N LEU A 433 -44.14 -6.15 -57.09
CA LEU A 433 -44.58 -5.14 -56.14
C LEU A 433 -45.55 -5.77 -55.15
N VAL A 434 -45.23 -5.67 -53.87
CA VAL A 434 -46.09 -6.17 -52.80
C VAL A 434 -46.61 -4.98 -51.99
N SER A 435 -47.77 -4.47 -52.37
CA SER A 435 -48.39 -3.34 -51.70
C SER A 435 -49.07 -3.78 -50.40
N ASP A 436 -49.52 -5.04 -50.36
CA ASP A 436 -50.08 -5.63 -49.16
C ASP A 436 -49.06 -6.54 -48.48
N THR A 437 -48.40 -6.01 -47.45
CA THR A 437 -47.31 -6.71 -46.77
C THR A 437 -47.73 -7.97 -46.01
N SER A 438 -49.03 -8.16 -45.83
CA SER A 438 -49.55 -9.38 -45.23
C SER A 438 -49.43 -10.56 -46.20
N GLN A 439 -49.17 -10.24 -47.46
CA GLN A 439 -48.98 -11.25 -48.51
C GLN A 439 -47.50 -11.53 -48.78
N LEU A 440 -46.61 -10.77 -48.13
CA LEU A 440 -45.17 -10.87 -48.36
C LEU A 440 -44.60 -12.27 -48.14
N GLY A 441 -45.02 -12.92 -47.06
CA GLY A 441 -44.58 -14.26 -46.73
C GLY A 441 -44.91 -15.26 -47.82
N ASP A 442 -46.16 -15.22 -48.29
CA ASP A 442 -46.63 -16.11 -49.35
C ASP A 442 -45.92 -15.83 -50.68
N VAL A 443 -45.72 -14.54 -50.98
CA VAL A 443 -45.04 -14.13 -52.21
C VAL A 443 -43.57 -14.61 -52.20
N LEU A 444 -42.91 -14.45 -51.06
CA LEU A 444 -41.54 -14.90 -50.89
C LEU A 444 -41.43 -16.42 -51.06
N ASP A 445 -42.30 -17.15 -50.38
CA ASP A 445 -42.29 -18.62 -50.40
C ASP A 445 -42.45 -19.20 -51.82
N GLN A 446 -43.12 -18.45 -52.68
CA GLN A 446 -43.30 -18.85 -54.08
C GLN A 446 -42.03 -18.63 -54.91
N ILE A 447 -41.27 -17.58 -54.57
CA ILE A 447 -40.07 -17.21 -55.35
C ILE A 447 -38.72 -17.60 -54.69
N ILE A 448 -38.85 -18.22 -53.49
CA ILE A 448 -37.68 -18.69 -52.74
C ILE A 448 -37.08 -19.96 -53.36
N GLN A 449 -35.75 -20.00 -53.41
CA GLN A 449 -35.01 -21.20 -53.78
C GLN A 449 -34.05 -21.57 -52.65
N ASP A 450 -33.63 -22.84 -52.63
CA ASP A 450 -32.75 -23.34 -51.58
C ASP A 450 -31.43 -22.57 -51.52
N GLY A 451 -31.08 -22.10 -50.33
CA GLY A 451 -29.82 -21.42 -50.09
C GLY A 451 -29.85 -19.92 -50.30
N ASP A 452 -31.02 -19.37 -50.60
CA ASP A 452 -31.19 -17.94 -50.85
C ASP A 452 -30.75 -17.06 -49.68
N LEU A 453 -30.05 -15.98 -49.99
CA LEU A 453 -29.85 -14.90 -49.03
C LEU A 453 -30.89 -13.83 -49.32
N ILE A 454 -31.77 -13.59 -48.35
CA ILE A 454 -32.81 -12.58 -48.50
C ILE A 454 -32.39 -11.30 -47.79
N LEU A 455 -32.28 -10.23 -48.55
CA LEU A 455 -31.97 -8.92 -47.99
C LEU A 455 -33.24 -8.12 -47.82
N ALA A 456 -33.60 -7.86 -46.56
CA ALA A 456 -34.65 -6.91 -46.21
C ALA A 456 -34.01 -5.54 -46.17
N GLN A 457 -34.31 -4.73 -47.18
CA GLN A 457 -33.50 -3.56 -47.49
C GLN A 457 -34.27 -2.24 -47.39
N GLY A 458 -33.77 -1.33 -46.56
CA GLY A 458 -34.34 -0.01 -46.46
C GLY A 458 -34.28 0.57 -45.06
N ALA A 459 -34.65 1.85 -44.97
CA ALA A 459 -34.52 2.60 -43.73
C ALA A 459 -35.84 2.75 -42.97
N GLY A 460 -36.94 2.34 -43.58
CA GLY A 460 -38.26 2.52 -42.99
C GLY A 460 -38.76 1.29 -42.24
N SER A 461 -40.04 1.00 -42.42
CA SER A 461 -40.71 -0.07 -41.67
C SER A 461 -40.34 -1.47 -42.14
N VAL A 462 -39.52 -1.55 -43.19
CA VAL A 462 -39.06 -2.82 -43.73
C VAL A 462 -38.43 -3.74 -42.68
N SER A 463 -37.73 -3.15 -41.69
CA SER A 463 -37.13 -3.95 -40.62
C SER A 463 -38.18 -4.57 -39.69
N LYS A 464 -39.24 -3.80 -39.39
CA LYS A 464 -40.37 -4.30 -38.62
C LYS A 464 -41.06 -5.43 -39.36
N ILE A 465 -41.21 -5.25 -40.67
CA ILE A 465 -41.87 -6.22 -41.54
C ILE A 465 -41.06 -7.52 -41.61
N SER A 466 -39.75 -7.39 -41.78
CA SER A 466 -38.85 -8.55 -41.81
C SER A 466 -38.79 -9.29 -40.47
N ARG A 467 -38.88 -8.54 -39.37
CA ARG A 467 -38.97 -9.12 -38.04
C ARG A 467 -40.23 -9.99 -37.89
N GLY A 468 -41.38 -9.45 -38.28
CA GLY A 468 -42.64 -10.16 -38.22
C GLY A 468 -42.64 -11.38 -39.12
N LEU A 469 -41.90 -11.30 -40.21
CA LEU A 469 -41.72 -12.41 -41.14
C LEU A 469 -40.84 -13.50 -40.53
N ALA A 470 -39.79 -13.09 -39.84
CA ALA A 470 -38.83 -14.00 -39.20
C ALA A 470 -39.43 -14.75 -38.02
N GLU A 471 -40.23 -14.03 -37.22
CA GLU A 471 -40.91 -14.63 -36.07
C GLU A 471 -41.99 -15.63 -36.50
N SER A 472 -42.67 -15.33 -37.60
CA SER A 472 -43.69 -16.23 -38.15
C SER A 472 -43.05 -17.50 -38.73
N TRP A 473 -41.81 -17.37 -39.21
CA TRP A 473 -41.06 -18.48 -39.77
C TRP A 473 -40.39 -19.29 -38.67
N GLU B 14 31.98 -34.24 35.73
CA GLU B 14 33.16 -33.80 34.95
C GLU B 14 32.78 -33.63 33.49
N MSE B 15 33.22 -32.53 32.88
CA MSE B 15 32.95 -32.28 31.47
C MSE B 15 33.83 -33.16 30.58
O MSE B 15 35.05 -33.09 30.64
CB MSE B 15 33.14 -30.80 31.15
CG MSE B 15 32.17 -29.89 31.91
SE MSE B 15 32.36 -28.06 31.43
CE MSE B 15 33.96 -27.64 32.53
N ARG B 16 33.18 -33.98 29.76
CA ARG B 16 33.86 -34.99 28.95
C ARG B 16 35.00 -34.39 28.13
N ARG B 17 36.20 -34.93 28.30
CA ARG B 17 37.39 -34.54 27.53
C ARG B 17 37.87 -33.10 27.75
N VAL B 18 37.33 -32.42 28.75
CA VAL B 18 37.78 -31.07 29.07
C VAL B 18 38.91 -31.15 30.09
N GLN B 19 40.13 -30.90 29.61
CA GLN B 19 41.32 -30.92 30.45
C GLN B 19 41.65 -29.50 30.88
N GLN B 20 41.71 -28.59 29.92
CA GLN B 20 42.12 -27.22 30.16
C GLN B 20 41.13 -26.24 29.56
N ILE B 21 40.77 -25.24 30.35
CA ILE B 21 39.84 -24.23 29.90
C ILE B 21 40.62 -22.92 29.81
N HIS B 22 40.60 -22.31 28.62
CA HIS B 22 41.28 -21.05 28.41
C HIS B 22 40.28 -19.89 28.40
N PHE B 23 40.58 -18.83 29.13
CA PHE B 23 39.71 -17.66 29.23
C PHE B 23 40.34 -16.46 28.57
N ILE B 24 39.68 -15.91 27.56
CA ILE B 24 40.12 -14.64 26.99
C ILE B 24 39.36 -13.52 27.69
N GLY B 25 40.09 -12.78 28.54
CA GLY B 25 39.50 -11.75 29.37
C GLY B 25 39.27 -12.27 30.77
N ILE B 26 40.20 -13.09 31.26
CA ILE B 26 40.04 -13.82 32.52
C ILE B 26 39.94 -12.92 33.75
N GLY B 27 40.42 -11.69 33.64
CA GLY B 27 40.35 -10.74 34.73
C GLY B 27 38.97 -10.12 34.92
N GLY B 28 38.04 -10.44 34.03
CA GLY B 28 36.71 -9.86 34.08
C GLY B 28 35.98 -10.21 35.36
N ALA B 29 35.03 -9.36 35.77
CA ALA B 29 34.29 -9.59 37.00
C ALA B 29 33.52 -10.91 36.96
N GLY B 30 32.97 -11.24 35.79
CA GLY B 30 32.25 -12.50 35.60
C GLY B 30 33.17 -13.66 35.25
N MSE B 31 34.11 -13.40 34.33
CA MSE B 31 35.09 -14.40 33.89
C MSE B 31 35.92 -14.98 35.01
O MSE B 31 36.10 -16.19 35.08
CB MSE B 31 36.03 -13.76 32.85
CG MSE B 31 35.34 -13.40 31.56
SE MSE B 31 34.98 -14.96 30.47
CE MSE B 31 36.74 -15.13 29.64
N SER B 32 36.44 -14.11 35.87
CA SER B 32 37.34 -14.56 36.95
C SER B 32 36.68 -15.56 37.90
N GLY B 33 35.42 -15.33 38.25
CA GLY B 33 34.69 -16.20 39.15
C GLY B 33 34.45 -17.57 38.55
N ILE B 34 34.13 -17.60 37.27
CA ILE B 34 33.96 -18.86 36.54
C ILE B 34 35.28 -19.63 36.52
N ALA B 35 36.37 -18.92 36.21
CA ALA B 35 37.71 -19.49 36.23
C ALA B 35 38.04 -20.07 37.59
N GLU B 36 37.69 -19.35 38.66
CA GLU B 36 37.99 -19.85 39.98
C GLU B 36 37.19 -21.10 40.35
N ILE B 37 35.90 -21.13 40.02
CA ILE B 37 35.10 -22.34 40.25
C ILE B 37 35.75 -23.55 39.60
N LEU B 38 36.09 -23.41 38.31
CA LEU B 38 36.63 -24.53 37.55
C LEU B 38 38.03 -24.90 38.04
N LEU B 39 38.82 -23.91 38.44
CA LEU B 39 40.12 -24.18 39.04
C LEU B 39 39.92 -25.03 40.29
N ASN B 40 38.95 -24.63 41.11
CA ASN B 40 38.68 -25.34 42.36
C ASN B 40 38.04 -26.71 42.16
N GLU B 41 37.44 -26.93 41.00
CA GLU B 41 36.90 -28.25 40.66
C GLU B 41 37.97 -29.18 40.11
N GLY B 42 39.17 -28.66 39.90
CA GLY B 42 40.30 -29.47 39.46
C GLY B 42 40.71 -29.36 38.00
N TYR B 43 40.05 -28.49 37.24
CA TYR B 43 40.43 -28.28 35.84
C TYR B 43 41.72 -27.48 35.72
N GLN B 44 42.44 -27.69 34.62
CA GLN B 44 43.55 -26.84 34.26
C GLN B 44 42.99 -25.54 33.70
N ILE B 45 43.51 -24.41 34.18
CA ILE B 45 42.99 -23.10 33.78
C ILE B 45 44.11 -22.26 33.19
N SER B 46 43.81 -21.66 32.03
CA SER B 46 44.69 -20.67 31.43
C SER B 46 43.84 -19.47 31.05
N GLY B 47 44.48 -18.32 30.87
CA GLY B 47 43.72 -17.13 30.56
C GLY B 47 44.61 -15.95 30.25
N SER B 48 44.07 -15.04 29.47
CA SER B 48 44.77 -13.82 29.12
C SER B 48 43.89 -12.65 29.51
N ASP B 49 44.53 -11.52 29.76
CA ASP B 49 43.82 -10.27 29.99
C ASP B 49 44.76 -9.12 29.68
N ILE B 50 44.22 -8.04 29.15
CA ILE B 50 45.02 -6.84 28.87
C ILE B 50 45.40 -6.09 30.16
N ALA B 51 44.72 -6.43 31.25
CA ALA B 51 45.00 -5.83 32.55
C ALA B 51 45.70 -6.85 33.44
N ASP B 52 46.58 -6.35 34.29
CA ASP B 52 47.33 -7.17 35.24
C ASP B 52 47.05 -6.61 36.62
N GLY B 53 46.19 -7.28 37.37
CA GLY B 53 45.80 -6.78 38.68
C GLY B 53 45.63 -7.86 39.73
N VAL B 54 45.00 -7.46 40.84
CA VAL B 54 44.79 -8.33 41.99
C VAL B 54 44.06 -9.62 41.60
N VAL B 55 43.06 -9.50 40.73
CA VAL B 55 42.27 -10.63 40.27
C VAL B 55 43.12 -11.69 39.51
N THR B 56 43.79 -11.25 38.45
CA THR B 56 44.62 -12.15 37.63
C THR B 56 45.81 -12.71 38.41
N GLN B 57 46.40 -11.89 39.27
CA GLN B 57 47.52 -12.31 40.11
C GLN B 57 47.12 -13.43 41.08
N ARG B 58 45.96 -13.27 41.70
CA ARG B 58 45.42 -14.27 42.62
C ARG B 58 45.14 -15.61 41.92
N LEU B 59 44.67 -15.54 40.68
CA LEU B 59 44.43 -16.74 39.88
C LEU B 59 45.74 -17.44 39.52
N ALA B 60 46.75 -16.63 39.15
CA ALA B 60 48.07 -17.14 38.83
C ALA B 60 48.71 -17.84 40.04
N GLN B 61 48.59 -17.20 41.21
CA GLN B 61 49.10 -17.76 42.47
C GLN B 61 48.42 -19.07 42.82
N ALA B 62 47.16 -19.22 42.39
CA ALA B 62 46.36 -20.41 42.66
C ALA B 62 46.58 -21.55 41.66
N GLY B 63 47.40 -21.29 40.64
CA GLY B 63 47.79 -22.32 39.69
C GLY B 63 47.26 -22.14 38.26
N ALA B 64 46.53 -21.06 38.03
CA ALA B 64 46.08 -20.72 36.68
C ALA B 64 47.26 -20.16 35.88
N LYS B 65 47.33 -20.52 34.59
CA LYS B 65 48.36 -19.97 33.71
C LYS B 65 47.84 -18.65 33.16
N ILE B 66 48.41 -17.55 33.63
CA ILE B 66 47.89 -16.22 33.29
C ILE B 66 48.87 -15.46 32.41
N TYR B 67 48.33 -14.86 31.35
CA TYR B 67 49.10 -14.04 30.43
C TYR B 67 48.58 -12.61 30.44
N ILE B 68 49.49 -11.66 30.26
CA ILE B 68 49.09 -10.27 30.05
C ILE B 68 49.21 -9.95 28.57
N GLY B 69 48.18 -9.31 28.03
CA GLY B 69 48.12 -9.05 26.61
C GLY B 69 47.61 -10.27 25.87
N HIS B 70 47.48 -10.14 24.55
CA HIS B 70 46.94 -11.22 23.74
C HIS B 70 47.92 -11.67 22.68
N ALA B 71 47.99 -13.00 22.51
CA ALA B 71 48.86 -13.62 21.51
C ALA B 71 48.39 -15.05 21.26
N GLU B 72 48.57 -15.51 20.01
CA GLU B 72 48.17 -16.85 19.59
C GLU B 72 48.64 -17.96 20.53
N GLU B 73 49.85 -17.81 21.06
CA GLU B 73 50.51 -18.82 21.89
C GLU B 73 49.82 -19.04 23.23
N HIS B 74 49.07 -18.04 23.69
CA HIS B 74 48.41 -18.08 24.99
C HIS B 74 47.37 -19.21 25.13
N ILE B 75 46.86 -19.70 24.00
CA ILE B 75 45.79 -20.72 24.04
C ILE B 75 46.32 -22.16 24.09
N GLU B 76 47.64 -22.33 24.07
CA GLU B 76 48.25 -23.65 24.04
C GLU B 76 47.69 -24.57 25.12
N GLY B 77 47.21 -25.74 24.70
CA GLY B 77 46.67 -26.73 25.62
C GLY B 77 45.17 -26.69 25.83
N ALA B 78 44.50 -25.61 25.40
CA ALA B 78 43.07 -25.43 25.63
C ALA B 78 42.20 -26.54 25.04
N SER B 79 41.27 -27.05 25.85
CA SER B 79 40.27 -28.00 25.39
C SER B 79 39.03 -27.24 24.91
N VAL B 80 38.85 -26.06 25.50
CA VAL B 80 37.75 -25.17 25.20
C VAL B 80 38.20 -23.76 25.55
N VAL B 81 37.68 -22.79 24.80
CA VAL B 81 38.02 -21.38 25.02
C VAL B 81 36.76 -20.64 25.42
N VAL B 82 36.84 -19.91 26.54
CA VAL B 82 35.71 -19.14 27.05
C VAL B 82 36.02 -17.66 26.82
N VAL B 83 35.06 -16.93 26.27
CA VAL B 83 35.33 -15.57 25.81
C VAL B 83 34.40 -14.53 26.46
N SER B 84 35.00 -13.47 26.99
CA SER B 84 34.23 -12.32 27.48
C SER B 84 33.67 -11.55 26.30
N SER B 85 32.49 -10.94 26.47
CA SER B 85 31.94 -10.12 25.40
C SER B 85 32.72 -8.84 25.18
N ALA B 86 33.68 -8.56 26.07
CA ALA B 86 34.57 -7.42 25.90
C ALA B 86 35.61 -7.67 24.81
N ILE B 87 35.78 -8.93 24.43
CA ILE B 87 36.80 -9.33 23.46
C ILE B 87 36.37 -9.00 22.02
N LYS B 88 37.30 -8.46 21.26
CA LYS B 88 37.03 -8.10 19.87
C LYS B 88 37.17 -9.31 18.95
N ASP B 89 36.43 -9.29 17.85
CA ASP B 89 36.41 -10.38 16.85
C ASP B 89 37.77 -10.74 16.28
N ASP B 90 38.69 -9.76 16.25
CA ASP B 90 40.01 -9.97 15.67
C ASP B 90 41.09 -10.31 16.70
N ASN B 91 40.66 -10.56 17.94
CA ASN B 91 41.57 -11.03 18.99
C ASN B 91 42.34 -12.25 18.51
N PRO B 92 43.68 -12.19 18.59
CA PRO B 92 44.54 -13.27 18.07
C PRO B 92 44.26 -14.63 18.69
N GLU B 93 43.88 -14.66 19.97
CA GLU B 93 43.57 -15.91 20.64
C GLU B 93 42.24 -16.47 20.17
N LEU B 94 41.30 -15.58 19.91
CA LEU B 94 40.00 -15.94 19.33
C LEU B 94 40.17 -16.49 17.92
N VAL B 95 40.97 -15.80 17.10
CA VAL B 95 41.22 -16.21 15.72
C VAL B 95 41.88 -17.59 15.65
N THR B 96 42.95 -17.80 16.41
CA THR B 96 43.68 -19.06 16.39
C THR B 96 42.89 -20.25 16.96
N SER B 97 42.02 -19.99 17.93
CA SER B 97 41.16 -21.04 18.49
C SER B 97 40.18 -21.55 17.44
N LYS B 98 39.56 -20.62 16.72
CA LYS B 98 38.63 -20.95 15.63
C LYS B 98 39.32 -21.69 14.49
N GLN B 99 40.58 -21.33 14.23
CA GLN B 99 41.39 -21.99 13.21
C GLN B 99 41.73 -23.42 13.62
N LYS B 100 41.99 -23.62 14.92
CA LYS B 100 42.42 -24.91 15.45
C LYS B 100 41.23 -25.84 15.76
N ARG B 101 40.02 -25.34 15.52
CA ARG B 101 38.77 -26.06 15.78
C ARG B 101 38.54 -26.38 17.26
N ILE B 102 39.13 -25.56 18.14
CA ILE B 102 38.86 -25.64 19.57
C ILE B 102 37.53 -24.94 19.85
N PRO B 103 36.62 -25.62 20.54
CA PRO B 103 35.33 -25.02 20.91
C PRO B 103 35.51 -23.67 21.59
N VAL B 104 34.80 -22.67 21.09
CA VAL B 104 34.84 -21.31 21.63
C VAL B 104 33.42 -20.95 22.05
N ILE B 105 33.27 -20.63 23.33
CA ILE B 105 31.96 -20.35 23.90
C ILE B 105 31.96 -19.06 24.70
N GLN B 106 30.79 -18.46 24.81
CA GLN B 106 30.64 -17.26 25.61
C GLN B 106 30.80 -17.60 27.08
N ARG B 107 31.31 -16.63 27.84
CA ARG B 107 31.33 -16.67 29.29
C ARG B 107 30.05 -17.29 29.87
N ALA B 108 28.90 -16.80 29.45
CA ALA B 108 27.63 -17.23 30.03
C ALA B 108 27.32 -18.68 29.70
N GLN B 109 27.85 -19.18 28.57
CA GLN B 109 27.68 -20.59 28.25
C GLN B 109 28.45 -21.48 29.22
N MSE B 110 29.66 -21.07 29.60
CA MSE B 110 30.39 -21.80 30.63
C MSE B 110 29.68 -21.68 31.97
O MSE B 110 29.63 -22.65 32.72
CB MSE B 110 31.86 -21.37 30.73
CG MSE B 110 32.67 -22.23 31.69
SE MSE B 110 32.56 -24.14 31.25
CE MSE B 110 34.04 -24.21 30.05
N LEU B 111 29.16 -20.49 32.27
CA LEU B 111 28.37 -20.33 33.50
C LEU B 111 27.16 -21.28 33.50
N ALA B 112 26.55 -21.42 32.33
CA ALA B 112 25.41 -22.32 32.17
C ALA B 112 25.83 -23.76 32.42
N GLU B 113 27.06 -24.11 32.04
CA GLU B 113 27.55 -25.45 32.30
C GLU B 113 27.78 -25.68 33.79
N ILE B 114 28.25 -24.66 34.49
CA ILE B 114 28.34 -24.72 35.95
C ILE B 114 26.94 -24.90 36.54
N MSE B 115 25.95 -24.26 35.91
CA MSE B 115 24.57 -24.32 36.37
C MSE B 115 23.85 -25.63 36.04
O MSE B 115 22.91 -26.01 36.73
CB MSE B 115 23.77 -23.14 35.83
CG MSE B 115 22.42 -22.99 36.50
SE MSE B 115 21.53 -21.35 36.05
CE MSE B 115 22.69 -20.10 37.04
N ARG B 116 24.30 -26.31 34.98
CA ARG B 116 23.54 -27.42 34.39
C ARG B 116 23.03 -28.46 35.41
N PHE B 117 23.93 -28.96 36.24
CA PHE B 117 23.53 -30.01 37.18
C PHE B 117 23.40 -29.45 38.58
N ARG B 118 23.21 -28.14 38.65
CA ARG B 118 23.05 -27.46 39.94
C ARG B 118 21.66 -26.85 40.03
N HIS B 119 21.28 -26.51 41.25
CA HIS B 119 20.05 -25.78 41.52
C HIS B 119 20.36 -24.30 41.37
N GLY B 120 20.08 -23.77 40.18
CA GLY B 120 20.49 -22.44 39.80
C GLY B 120 19.51 -21.35 40.22
N ILE B 121 20.04 -20.35 40.89
CA ILE B 121 19.28 -19.16 41.24
C ILE B 121 19.97 -18.04 40.48
N ALA B 122 19.31 -17.56 39.43
CA ALA B 122 19.90 -16.56 38.53
C ALA B 122 19.34 -15.19 38.86
N VAL B 123 20.22 -14.19 38.91
CA VAL B 123 19.80 -12.85 39.26
C VAL B 123 20.02 -11.92 38.06
N ALA B 124 18.91 -11.43 37.52
CA ALA B 124 18.89 -10.61 36.33
C ALA B 124 18.22 -9.28 36.63
N GLY B 125 18.21 -8.37 35.66
CA GLY B 125 17.64 -7.05 35.86
C GLY B 125 18.65 -5.98 35.46
N THR B 126 18.20 -4.73 35.37
CA THR B 126 19.10 -3.67 34.98
C THR B 126 20.07 -3.27 36.09
N HIS B 127 19.55 -3.09 37.30
CA HIS B 127 20.32 -2.61 38.46
C HIS B 127 20.17 -3.56 39.63
N GLY B 128 21.23 -3.65 40.44
CA GLY B 128 21.20 -4.42 41.68
C GLY B 128 21.48 -5.91 41.57
N LYS B 129 21.93 -6.40 40.41
CA LYS B 129 22.17 -7.85 40.27
C LYS B 129 23.31 -8.33 41.16
N THR B 130 24.43 -7.62 41.10
CA THR B 130 25.60 -7.99 41.91
C THR B 130 25.28 -7.91 43.40
N THR B 131 24.57 -6.85 43.79
CA THR B 131 24.16 -6.70 45.18
C THR B 131 23.26 -7.84 45.62
N THR B 132 22.21 -8.09 44.86
CA THR B 132 21.23 -9.13 45.19
C THR B 132 21.87 -10.50 45.21
N THR B 133 22.73 -10.77 44.23
CA THR B 133 23.47 -12.03 44.18
C THR B 133 24.31 -12.19 45.45
N ALA B 134 24.98 -11.11 45.87
CA ALA B 134 25.81 -11.16 47.07
C ALA B 134 24.93 -11.44 48.29
N MSE B 135 23.76 -10.78 48.35
CA MSE B 135 22.84 -10.98 49.46
C MSE B 135 22.34 -12.42 49.54
O MSE B 135 22.40 -13.04 50.60
CB MSE B 135 21.69 -10.00 49.38
CG MSE B 135 22.11 -8.58 49.63
SE MSE B 135 20.64 -7.43 49.16
CE MSE B 135 21.32 -5.73 49.92
N ILE B 136 21.86 -12.96 48.42
CA ILE B 136 21.38 -14.34 48.39
C ILE B 136 22.50 -15.29 48.77
N SER B 137 23.69 -15.05 48.21
CA SER B 137 24.83 -15.91 48.51
C SER B 137 25.13 -15.94 50.01
N MSE B 138 25.08 -14.77 50.64
CA MSE B 138 25.37 -14.67 52.06
C MSE B 138 24.25 -15.24 52.94
O MSE B 138 24.52 -15.76 54.03
CB MSE B 138 25.74 -13.23 52.43
CG MSE B 138 27.09 -12.80 51.85
SE MSE B 138 28.58 -13.91 52.52
CE MSE B 138 28.79 -15.19 51.05
N ILE B 139 23.00 -15.17 52.46
CA ILE B 139 21.89 -15.79 53.17
C ILE B 139 22.03 -17.31 53.15
N TYR B 140 22.25 -17.87 51.95
CA TYR B 140 22.38 -19.31 51.81
C TYR B 140 23.61 -19.82 52.57
N THR B 141 24.65 -18.99 52.62
CA THR B 141 25.86 -19.35 53.36
C THR B 141 25.58 -19.40 54.85
N GLN B 142 24.88 -18.39 55.36
CA GLN B 142 24.55 -18.34 56.77
C GLN B 142 23.57 -19.43 57.18
N ALA B 143 22.76 -19.88 56.23
CA ALA B 143 21.86 -21.01 56.42
C ALA B 143 22.58 -22.37 56.37
N LYS B 144 23.91 -22.33 56.28
CA LYS B 144 24.77 -23.52 56.26
C LYS B 144 24.49 -24.42 55.06
N LEU B 145 24.12 -23.80 53.94
CA LEU B 145 23.81 -24.55 52.73
C LEU B 145 25.01 -24.66 51.80
N ASP B 146 26.09 -23.94 52.12
CA ASP B 146 27.35 -24.00 51.36
C ASP B 146 27.09 -23.91 49.84
N PRO B 147 26.52 -22.80 49.41
CA PRO B 147 26.20 -22.64 47.99
C PRO B 147 27.47 -22.40 47.18
N THR B 148 27.44 -22.80 45.93
CA THR B 148 28.37 -22.23 44.97
C THR B 148 27.76 -20.90 44.54
N PHE B 149 28.60 -19.89 44.41
CA PHE B 149 28.14 -18.65 43.80
C PHE B 149 29.14 -18.07 42.82
N VAL B 150 28.61 -17.36 41.82
CA VAL B 150 29.44 -16.69 40.84
C VAL B 150 28.80 -15.32 40.68
N ASN B 151 29.40 -14.34 41.33
CA ASN B 151 28.91 -12.97 41.32
C ASN B 151 29.79 -12.12 40.42
N GLY B 152 29.21 -11.10 39.81
CA GLY B 152 29.95 -10.18 38.96
C GLY B 152 30.56 -9.03 39.74
N GLY B 153 31.00 -9.33 40.96
CA GLY B 153 31.60 -8.35 41.83
C GLY B 153 31.98 -9.03 43.12
N LEU B 154 32.82 -8.35 43.90
CA LEU B 154 33.34 -8.90 45.15
C LEU B 154 32.24 -9.01 46.19
N VAL B 155 32.09 -10.20 46.77
CA VAL B 155 31.23 -10.37 47.94
C VAL B 155 32.14 -10.11 49.12
N LYS B 156 32.01 -8.93 49.73
CA LYS B 156 33.01 -8.46 50.68
C LYS B 156 33.26 -9.45 51.82
N SER B 157 32.21 -10.05 52.35
CA SER B 157 32.36 -11.00 53.46
C SER B 157 33.09 -12.28 53.06
N ALA B 158 33.00 -12.62 51.78
CA ALA B 158 33.61 -13.84 51.24
C ALA B 158 35.04 -13.59 50.77
N GLY B 159 35.36 -12.32 50.52
CA GLY B 159 36.66 -11.91 49.98
C GLY B 159 36.87 -12.36 48.55
N LYS B 160 35.79 -12.74 47.88
CA LYS B 160 35.83 -13.36 46.54
C LYS B 160 34.59 -12.97 45.77
N ASN B 161 34.67 -13.05 44.44
CA ASN B 161 33.49 -12.93 43.58
C ASN B 161 32.74 -14.24 43.50
N ALA B 162 33.46 -15.34 43.76
CA ALA B 162 32.91 -16.66 43.54
C ALA B 162 33.44 -17.64 44.57
N HIS B 163 32.64 -18.68 44.82
CA HIS B 163 32.98 -19.69 45.80
C HIS B 163 32.41 -21.00 45.35
N LEU B 164 33.22 -22.06 45.40
CA LEU B 164 32.74 -23.41 45.16
C LEU B 164 32.25 -24.02 46.47
N GLY B 165 30.95 -24.34 46.48
CA GLY B 165 30.33 -25.00 47.63
C GLY B 165 30.15 -26.48 47.37
N ALA B 166 29.95 -27.24 48.45
CA ALA B 166 29.78 -28.68 48.34
C ALA B 166 28.33 -29.08 48.02
N SER B 167 27.42 -28.12 48.11
CA SER B 167 26.01 -28.38 47.85
C SER B 167 25.73 -28.36 46.35
N ARG B 168 24.46 -28.47 46.01
CA ARG B 168 24.05 -28.36 44.62
C ARG B 168 23.62 -26.95 44.25
N TYR B 169 23.61 -26.03 45.21
CA TYR B 169 23.13 -24.67 44.93
C TYR B 169 24.10 -23.86 44.10
N LEU B 170 23.57 -23.12 43.14
CA LEU B 170 24.38 -22.13 42.44
C LEU B 170 23.61 -20.82 42.42
N ILE B 171 24.23 -19.79 42.98
CA ILE B 171 23.69 -18.44 42.91
C ILE B 171 24.55 -17.69 41.94
N ALA B 172 23.96 -17.14 40.90
CA ALA B 172 24.74 -16.54 39.83
C ALA B 172 24.08 -15.30 39.24
N GLU B 173 24.89 -14.26 39.08
CA GLU B 173 24.45 -13.07 38.37
C GLU B 173 24.33 -13.38 36.89
N ALA B 174 23.25 -12.88 36.27
CA ALA B 174 22.91 -13.16 34.87
C ALA B 174 22.86 -11.86 34.07
N ASP B 175 23.86 -11.69 33.21
CA ASP B 175 24.02 -10.48 32.39
C ASP B 175 23.10 -10.48 31.17
N GLU B 176 22.38 -9.37 30.98
CA GLU B 176 21.50 -9.19 29.83
C GLU B 176 22.16 -8.33 28.76
N SER B 177 23.30 -7.72 29.08
CA SER B 177 23.91 -6.69 28.22
C SER B 177 24.14 -7.18 26.79
N ASP B 178 24.46 -8.46 26.66
CA ASP B 178 24.72 -9.08 25.36
C ASP B 178 23.72 -10.21 25.09
N ALA B 179 22.63 -10.22 25.86
CA ALA B 179 21.58 -11.25 25.81
C ALA B 179 22.10 -12.67 26.10
N SER B 180 23.31 -12.76 26.67
CA SER B 180 23.93 -14.07 26.84
C SER B 180 23.34 -14.88 27.99
N PHE B 181 22.51 -14.25 28.82
CA PHE B 181 21.85 -15.00 29.89
C PHE B 181 20.87 -16.06 29.39
N LEU B 182 20.57 -16.05 28.09
CA LEU B 182 19.70 -17.05 27.49
C LEU B 182 20.30 -18.46 27.54
N HIS B 183 21.61 -18.54 27.78
CA HIS B 183 22.29 -19.82 27.97
C HIS B 183 21.85 -20.49 29.27
N LEU B 184 21.49 -19.70 30.28
CA LEU B 184 21.28 -20.23 31.63
C LEU B 184 19.97 -20.96 31.77
N GLN B 185 19.99 -22.08 32.50
CA GLN B 185 18.78 -22.83 32.79
C GLN B 185 18.59 -22.93 34.30
N PRO B 186 18.04 -21.88 34.91
CA PRO B 186 17.91 -21.82 36.37
C PRO B 186 16.65 -22.48 36.90
N MSE B 187 16.63 -22.67 38.21
CA MSE B 187 15.45 -23.14 38.93
C MSE B 187 14.62 -21.96 39.40
O MSE B 187 13.39 -22.06 39.51
CB MSE B 187 15.84 -24.00 40.14
CG MSE B 187 16.54 -25.30 39.80
SE MSE B 187 15.35 -26.54 38.88
CE MSE B 187 15.98 -26.29 37.12
N VAL B 188 15.31 -20.87 39.71
CA VAL B 188 14.71 -19.63 40.20
C VAL B 188 15.42 -18.48 39.50
N SER B 189 14.63 -17.53 38.99
CA SER B 189 15.20 -16.35 38.35
C SER B 189 14.65 -15.09 38.96
N VAL B 190 15.57 -14.21 39.38
CA VAL B 190 15.20 -12.90 39.91
C VAL B 190 15.30 -11.89 38.78
N VAL B 191 14.31 -11.00 38.70
CA VAL B 191 14.46 -9.81 37.85
C VAL B 191 14.20 -8.61 38.75
N THR B 192 15.23 -7.83 38.96
CA THR B 192 15.18 -6.73 39.92
C THR B 192 14.41 -5.53 39.39
N ASN B 193 14.56 -5.27 38.10
CA ASN B 193 13.97 -4.11 37.46
C ASN B 193 14.35 -4.17 35.99
N MSE B 194 13.75 -3.29 35.19
CA MSE B 194 14.14 -3.17 33.80
C MSE B 194 14.02 -1.74 33.30
O MSE B 194 12.93 -1.17 33.21
CB MSE B 194 13.32 -4.10 32.90
CG MSE B 194 13.99 -4.30 31.56
SE MSE B 194 12.78 -5.10 30.27
CE MSE B 194 12.25 -6.59 31.35
N GLU B 195 15.17 -1.16 32.96
CA GLU B 195 15.26 0.17 32.39
C GLU B 195 16.22 0.12 31.22
N PRO B 196 16.14 1.07 30.29
CA PRO B 196 17.09 1.13 29.18
C PRO B 196 18.55 1.31 29.61
N ASP B 197 19.33 0.28 29.32
CA ASP B 197 20.80 0.29 29.36
C ASP B 197 21.27 -0.71 28.30
N HIS B 198 22.51 -0.59 27.84
CA HIS B 198 23.07 -1.50 26.83
C HIS B 198 22.22 -1.53 25.57
N MSE B 199 21.68 -0.38 25.19
CA MSE B 199 20.63 -0.38 24.18
C MSE B 199 21.15 -0.71 22.78
O MSE B 199 20.37 -1.12 21.92
CB MSE B 199 19.78 0.89 24.25
CG MSE B 199 18.90 0.94 25.50
SE MSE B 199 17.84 -0.72 25.81
CE MSE B 199 16.76 -0.53 24.30
N ASP B 200 22.47 -0.58 22.56
CA ASP B 200 23.09 -0.95 21.29
C ASP B 200 22.81 -2.43 20.95
N THR B 201 22.87 -3.29 21.97
CA THR B 201 22.57 -4.71 21.82
C THR B 201 21.15 -4.95 21.32
N TYR B 202 20.25 -4.08 21.76
CA TYR B 202 18.83 -4.23 21.46
C TYR B 202 18.39 -3.26 20.37
N GLU B 203 19.38 -2.76 19.63
CA GLU B 203 19.16 -1.86 18.50
C GLU B 203 18.28 -0.68 18.89
N GLY B 204 18.46 -0.19 20.12
CA GLY B 204 17.72 0.95 20.63
C GLY B 204 16.24 0.67 20.87
N ASP B 205 15.87 -0.60 20.86
CA ASP B 205 14.47 -1.02 20.98
C ASP B 205 14.21 -1.68 22.32
N PHE B 206 13.55 -0.95 23.21
CA PHE B 206 13.27 -1.45 24.56
C PHE B 206 12.33 -2.66 24.53
N GLU B 207 11.47 -2.71 23.51
CA GLU B 207 10.61 -3.86 23.31
C GLU B 207 11.42 -5.13 23.05
N LYS B 208 12.56 -4.99 22.36
CA LYS B 208 13.45 -6.14 22.14
C LYS B 208 14.08 -6.61 23.43
N MSE B 209 14.44 -5.66 24.30
CA MSE B 209 14.93 -6.01 25.63
C MSE B 209 13.85 -6.75 26.43
O MSE B 209 14.13 -7.78 27.04
CB MSE B 209 15.41 -4.78 26.39
CG MSE B 209 15.86 -5.10 27.81
SE MSE B 209 16.70 -3.58 28.67
CE MSE B 209 18.49 -3.87 28.01
N LYS B 210 12.62 -6.23 26.40
CA LYS B 210 11.51 -6.86 27.11
C LYS B 210 11.31 -8.30 26.64
N ALA B 211 11.31 -8.49 25.32
CA ALA B 211 11.10 -9.83 24.72
C ALA B 211 12.22 -10.80 25.11
N THR B 212 13.44 -10.25 25.23
CA THR B 212 14.60 -11.05 25.60
C THR B 212 14.52 -11.52 27.04
N TYR B 213 14.07 -10.63 27.93
CA TYR B 213 13.87 -11.00 29.33
C TYR B 213 12.78 -12.07 29.46
N VAL B 214 11.71 -11.93 28.67
CA VAL B 214 10.66 -12.94 28.66
C VAL B 214 11.24 -14.30 28.22
N LYS B 215 12.04 -14.30 27.15
CA LYS B 215 12.69 -15.52 26.66
C LYS B 215 13.58 -16.12 27.76
N PHE B 216 14.31 -15.26 28.45
CA PHE B 216 15.14 -15.68 29.56
C PHE B 216 14.29 -16.39 30.63
N LEU B 217 13.17 -15.78 31.02
CA LEU B 217 12.31 -16.39 32.04
C LEU B 217 11.70 -17.71 31.56
N HIS B 218 11.50 -17.82 30.25
CA HIS B 218 10.99 -19.08 29.68
C HIS B 218 11.98 -20.23 29.76
N ASN B 219 13.23 -19.94 30.12
CA ASN B 219 14.22 -20.99 30.38
C ASN B 219 13.93 -21.72 31.68
N LEU B 220 13.14 -21.09 32.55
CA LEU B 220 12.73 -21.76 33.79
C LEU B 220 11.96 -23.03 33.46
N PRO B 221 12.10 -24.08 34.27
CA PRO B 221 11.26 -25.27 34.09
C PRO B 221 9.81 -24.87 34.36
N PHE B 222 8.85 -25.72 33.97
CA PHE B 222 7.44 -25.40 34.17
C PHE B 222 7.11 -25.08 35.62
N TYR B 223 7.88 -25.67 36.54
CA TYR B 223 7.64 -25.52 37.98
C TYR B 223 8.54 -24.44 38.57
N GLY B 224 9.36 -23.81 37.73
CA GLY B 224 10.33 -22.82 38.18
C GLY B 224 9.69 -21.55 38.71
N LEU B 225 10.50 -20.72 39.34
CA LEU B 225 9.99 -19.51 39.99
C LEU B 225 10.67 -18.27 39.44
N ALA B 226 9.85 -17.27 39.11
CA ALA B 226 10.36 -15.94 38.77
C ALA B 226 10.04 -15.00 39.91
N VAL B 227 11.07 -14.35 40.44
CA VAL B 227 10.92 -13.40 41.54
C VAL B 227 11.19 -12.01 40.94
N MSE B 228 10.15 -11.18 40.93
CA MSE B 228 10.19 -9.93 40.18
C MSE B 228 9.76 -8.75 41.04
O MSE B 228 8.88 -8.88 41.88
CB MSE B 228 9.30 -10.03 38.94
CG MSE B 228 9.65 -11.21 38.05
SE MSE B 228 8.46 -11.45 36.51
CE MSE B 228 7.77 -9.68 36.31
N CYS B 229 10.38 -7.60 40.81
CA CYS B 229 10.05 -6.42 41.59
C CYS B 229 8.67 -5.88 41.24
N ALA B 230 7.78 -5.86 42.24
CA ALA B 230 6.42 -5.35 42.11
C ALA B 230 6.37 -3.84 41.82
N ASP B 231 7.47 -3.15 42.12
CA ASP B 231 7.50 -1.70 41.98
C ASP B 231 7.93 -1.25 40.59
N ASP B 232 8.30 -2.21 39.75
CA ASP B 232 8.68 -1.91 38.38
C ASP B 232 7.49 -2.15 37.44
N PRO B 233 6.95 -1.07 36.86
CA PRO B 233 5.76 -1.19 36.01
C PRO B 233 6.00 -2.02 34.74
N VAL B 234 7.24 -2.03 34.25
CA VAL B 234 7.59 -2.83 33.07
C VAL B 234 7.53 -4.30 33.44
N LEU B 235 8.11 -4.66 34.59
CA LEU B 235 8.06 -6.05 35.04
C LEU B 235 6.62 -6.50 35.27
N MSE B 236 5.82 -5.64 35.89
CA MSE B 236 4.44 -5.98 36.19
C MSE B 236 3.59 -6.16 34.93
O MSE B 236 2.71 -7.02 34.88
CB MSE B 236 3.82 -4.97 37.16
CG MSE B 236 4.42 -5.03 38.56
SE MSE B 236 4.37 -6.84 39.31
CE MSE B 236 6.15 -7.49 38.85
N GLU B 237 3.90 -5.37 33.90
CA GLU B 237 3.23 -5.48 32.61
C GLU B 237 3.58 -6.79 31.90
N LEU B 238 4.78 -7.30 32.18
CA LEU B 238 5.27 -8.54 31.56
C LEU B 238 4.76 -9.81 32.24
N VAL B 239 4.23 -9.69 33.44
CA VAL B 239 3.81 -10.87 34.22
C VAL B 239 2.96 -11.88 33.40
N PRO B 240 1.88 -11.44 32.73
CA PRO B 240 1.06 -12.35 31.92
C PRO B 240 1.83 -13.14 30.84
N LYS B 241 3.00 -12.66 30.44
CA LYS B 241 3.81 -13.30 29.41
C LYS B 241 4.78 -14.35 29.95
N VAL B 242 4.96 -14.37 31.27
CA VAL B 242 5.99 -15.21 31.88
C VAL B 242 5.65 -16.71 31.79
N GLY B 243 4.41 -17.07 32.11
CA GLY B 243 3.97 -18.45 32.02
C GLY B 243 4.62 -19.38 33.03
N ARG B 244 5.14 -18.79 34.10
CA ARG B 244 5.71 -19.52 35.23
C ARG B 244 5.19 -18.83 36.47
N GLN B 245 5.30 -19.49 37.62
CA GLN B 245 4.93 -18.82 38.86
C GLN B 245 5.75 -17.55 39.03
N VAL B 246 5.06 -16.47 39.33
CA VAL B 246 5.73 -15.21 39.65
C VAL B 246 5.43 -14.84 41.09
N ILE B 247 6.50 -14.56 41.84
CA ILE B 247 6.41 -13.98 43.17
C ILE B 247 7.01 -12.58 43.05
N THR B 248 6.29 -11.59 43.57
CA THR B 248 6.74 -10.22 43.49
C THR B 248 7.15 -9.69 44.86
N TYR B 249 7.96 -8.64 44.83
CA TYR B 249 8.42 -7.99 46.06
C TYR B 249 8.51 -6.50 45.83
N GLY B 250 8.31 -5.75 46.90
CA GLY B 250 8.49 -4.31 46.84
C GLY B 250 7.60 -3.58 47.81
N PHE B 251 7.56 -2.26 47.69
CA PHE B 251 6.69 -1.42 48.51
C PHE B 251 5.24 -1.44 48.03
N SER B 252 5.02 -1.87 46.80
CA SER B 252 3.68 -1.96 46.24
C SER B 252 2.72 -2.70 47.17
N GLU B 253 1.51 -2.18 47.29
CA GLU B 253 0.48 -2.84 48.10
C GLU B 253 0.12 -4.22 47.53
N GLN B 254 0.45 -4.43 46.26
CA GLN B 254 0.17 -5.70 45.57
C GLN B 254 1.29 -6.74 45.72
N ALA B 255 2.40 -6.35 46.33
CA ALA B 255 3.57 -7.23 46.41
C ALA B 255 3.30 -8.49 47.24
N ASP B 256 3.81 -9.62 46.77
CA ASP B 256 3.72 -10.87 47.53
C ASP B 256 4.55 -10.76 48.79
N TYR B 257 5.76 -10.21 48.64
CA TYR B 257 6.61 -9.84 49.76
C TYR B 257 6.65 -8.33 49.81
N ARG B 258 5.85 -7.75 50.70
CA ARG B 258 5.61 -6.32 50.75
C ARG B 258 6.46 -5.67 51.83
N ILE B 259 7.17 -4.60 51.44
CA ILE B 259 8.00 -3.84 52.37
C ILE B 259 7.17 -2.72 52.96
N GLU B 260 7.22 -2.60 54.29
CA GLU B 260 6.54 -1.53 55.01
C GLU B 260 7.47 -0.89 56.03
N ASP B 261 7.12 0.33 56.42
CA ASP B 261 7.77 1.04 57.52
C ASP B 261 9.28 1.22 57.31
N TYR B 262 9.69 1.47 56.07
CA TYR B 262 11.11 1.70 55.80
C TYR B 262 11.61 2.98 56.46
N GLU B 263 12.72 2.84 57.17
CA GLU B 263 13.47 3.99 57.66
C GLU B 263 14.96 3.71 57.52
N GLN B 264 15.70 4.72 57.06
CA GLN B 264 17.15 4.66 57.06
C GLN B 264 17.67 5.43 58.27
N THR B 265 18.49 4.75 59.06
CA THR B 265 19.13 5.35 60.23
C THR B 265 20.63 5.19 60.00
N GLY B 266 21.32 6.32 59.88
CA GLY B 266 22.71 6.30 59.43
C GLY B 266 22.72 5.72 58.03
N PHE B 267 23.43 4.61 57.86
CA PHE B 267 23.46 3.92 56.59
C PHE B 267 22.92 2.49 56.71
N GLN B 268 22.05 2.28 57.70
CA GLN B 268 21.33 1.03 57.82
C GLN B 268 19.86 1.25 57.51
N GLY B 269 19.23 0.20 56.99
CA GLY B 269 17.81 0.20 56.72
C GLY B 269 17.07 -0.61 57.76
N HIS B 270 15.88 -0.14 58.13
CA HIS B 270 14.98 -0.87 59.02
C HIS B 270 13.63 -0.92 58.33
N TYR B 271 13.04 -2.11 58.23
CA TYR B 271 11.73 -2.25 57.61
C TYR B 271 11.09 -3.58 57.96
N THR B 272 9.81 -3.71 57.62
CA THR B 272 9.10 -4.95 57.80
C THR B 272 8.75 -5.53 56.44
N VAL B 273 8.89 -6.85 56.33
CA VAL B 273 8.41 -7.54 55.14
C VAL B 273 7.20 -8.39 55.52
N ILE B 274 6.11 -8.19 54.78
CA ILE B 274 4.91 -9.01 54.92
C ILE B 274 4.93 -10.07 53.83
N CYS B 275 5.07 -11.32 54.24
CA CYS B 275 5.13 -12.45 53.32
C CYS B 275 3.74 -12.84 52.80
N PRO B 276 3.68 -13.62 51.71
CA PRO B 276 2.41 -14.01 51.08
C PRO B 276 1.36 -14.62 52.02
N ASN B 277 1.82 -15.36 53.03
CA ASN B 277 0.95 -15.94 54.04
C ASN B 277 0.72 -15.02 55.25
N ASN B 278 1.05 -13.74 55.06
CA ASN B 278 0.90 -12.69 56.08
C ASN B 278 1.93 -12.72 57.22
N GLU B 279 2.94 -13.59 57.09
CA GLU B 279 4.03 -13.61 58.06
C GLU B 279 4.81 -12.30 57.99
N ARG B 280 4.97 -11.67 59.15
CA ARG B 280 5.72 -10.43 59.26
C ARG B 280 7.15 -10.71 59.68
N ILE B 281 8.10 -10.13 58.95
CA ILE B 281 9.51 -10.24 59.28
C ILE B 281 10.10 -8.84 59.41
N ASN B 282 10.61 -8.54 60.62
CA ASN B 282 11.23 -7.25 60.90
C ASN B 282 12.71 -7.31 60.56
N VAL B 283 13.10 -6.54 59.55
CA VAL B 283 14.44 -6.64 58.99
C VAL B 283 15.33 -5.46 59.39
N LEU B 284 16.53 -5.79 59.85
CA LEU B 284 17.63 -4.83 59.92
C LEU B 284 18.53 -5.13 58.73
N LEU B 285 18.72 -4.13 57.87
CA LEU B 285 19.58 -4.26 56.71
C LEU B 285 20.80 -3.35 56.87
N ASN B 286 21.99 -3.95 56.81
CA ASN B 286 23.21 -3.23 57.12
C ASN B 286 23.75 -2.35 55.99
N VAL B 287 22.90 -2.04 55.02
CA VAL B 287 23.28 -1.19 53.90
C VAL B 287 22.14 -0.19 53.67
N PRO B 288 22.43 0.99 53.12
CA PRO B 288 21.44 2.06 53.03
C PRO B 288 20.55 2.02 51.79
N GLY B 289 19.45 2.77 51.87
CA GLY B 289 18.64 3.06 50.71
C GLY B 289 17.50 2.09 50.48
N LYS B 290 16.39 2.63 50.01
CA LYS B 290 15.24 1.82 49.65
C LYS B 290 15.57 0.82 48.55
N HIS B 291 16.51 1.19 47.67
CA HIS B 291 16.91 0.29 46.59
C HIS B 291 17.56 -0.98 47.11
N ASN B 292 18.34 -0.86 48.19
CA ASN B 292 18.92 -2.04 48.82
C ASN B 292 17.91 -2.84 49.60
N ALA B 293 16.91 -2.16 50.17
CA ALA B 293 15.76 -2.85 50.79
C ALA B 293 15.03 -3.69 49.74
N LEU B 294 14.90 -3.16 48.54
CA LEU B 294 14.33 -3.92 47.43
C LEU B 294 15.19 -5.13 47.10
N ASN B 295 16.49 -4.91 46.90
CA ASN B 295 17.41 -6.01 46.64
C ASN B 295 17.35 -7.07 47.74
N ALA B 296 17.34 -6.63 48.99
CA ALA B 296 17.31 -7.55 50.13
C ALA B 296 15.99 -8.28 50.25
N THR B 297 14.93 -7.73 49.66
CA THR B 297 13.63 -8.38 49.68
C THR B 297 13.48 -9.38 48.54
N ALA B 298 14.10 -9.09 47.40
CA ALA B 298 14.32 -10.11 46.39
C ALA B 298 15.02 -11.31 47.04
N ALA B 299 16.10 -11.01 47.78
CA ALA B 299 16.89 -12.05 48.44
C ALA B 299 16.09 -12.79 49.48
N LEU B 300 15.39 -12.05 50.34
CA LEU B 300 14.54 -12.66 51.36
C LEU B 300 13.45 -13.54 50.73
N ALA B 301 12.82 -13.04 49.66
CA ALA B 301 11.76 -13.78 48.96
C ALA B 301 12.26 -15.11 48.42
N VAL B 302 13.42 -15.08 47.76
CA VAL B 302 14.02 -16.29 47.22
C VAL B 302 14.27 -17.29 48.34
N ALA B 303 14.89 -16.81 49.42
CA ALA B 303 15.23 -17.66 50.56
C ALA B 303 14.00 -18.27 51.23
N LYS B 304 12.98 -17.43 51.46
CA LYS B 304 11.71 -17.90 52.03
C LYS B 304 11.03 -18.93 51.14
N GLU B 305 11.02 -18.67 49.84
CA GLU B 305 10.38 -19.58 48.89
C GLU B 305 11.11 -20.92 48.81
N GLU B 306 12.38 -20.91 49.19
CA GLU B 306 13.20 -22.12 49.19
C GLU B 306 13.20 -22.80 50.55
N GLY B 307 12.56 -22.17 51.53
CA GLY B 307 12.34 -22.77 52.83
C GLY B 307 13.37 -22.44 53.90
N ILE B 308 14.21 -21.45 53.63
CA ILE B 308 15.23 -21.03 54.59
C ILE B 308 14.57 -20.33 55.78
N ALA B 309 15.03 -20.67 56.99
CA ALA B 309 14.51 -20.09 58.23
C ALA B 309 14.80 -18.59 58.33
N ASN B 310 13.91 -17.89 59.02
CA ASN B 310 14.01 -16.44 59.21
C ASN B 310 15.34 -16.02 59.82
N GLU B 311 15.82 -16.80 60.79
CA GLU B 311 17.02 -16.44 61.54
C GLU B 311 18.22 -16.26 60.63
N ALA B 312 18.46 -17.23 59.74
CA ALA B 312 19.56 -17.15 58.78
C ALA B 312 19.44 -15.94 57.86
N ILE B 313 18.23 -15.68 57.36
CA ILE B 313 17.98 -14.53 56.49
C ILE B 313 18.30 -13.25 57.25
N LEU B 314 17.71 -13.11 58.43
CA LEU B 314 17.88 -11.91 59.25
C LEU B 314 19.33 -11.69 59.65
N GLU B 315 20.01 -12.78 60.04
CA GLU B 315 21.41 -12.69 60.44
C GLU B 315 22.29 -12.22 59.27
N ALA B 316 22.05 -12.76 58.08
CA ALA B 316 22.85 -12.40 56.92
C ALA B 316 22.64 -10.94 56.52
N LEU B 317 21.38 -10.48 56.59
CA LEU B 317 21.06 -9.10 56.23
C LEU B 317 21.50 -8.08 57.29
N ALA B 318 21.36 -8.44 58.56
CA ALA B 318 21.72 -7.55 59.66
C ALA B 318 23.19 -7.17 59.66
N ASP B 319 24.03 -8.09 59.15
CA ASP B 319 25.47 -7.83 59.10
C ASP B 319 25.98 -7.88 57.66
N PHE B 320 25.09 -7.68 56.70
CA PHE B 320 25.52 -7.71 55.32
C PHE B 320 26.61 -6.69 55.07
N GLN B 321 27.73 -7.14 54.52
CA GLN B 321 28.90 -6.27 54.38
C GLN B 321 28.97 -5.61 53.01
N GLY B 322 28.05 -5.98 52.13
CA GLY B 322 27.97 -5.36 50.82
C GLY B 322 28.77 -6.10 49.78
N ALA B 323 28.62 -5.64 48.54
CA ALA B 323 29.51 -6.04 47.46
C ALA B 323 30.55 -4.94 47.35
N GLY B 324 31.77 -5.30 46.94
CA GLY B 324 32.83 -4.32 46.76
C GLY B 324 32.38 -3.21 45.82
N ARG B 325 32.74 -1.97 46.17
CA ARG B 325 32.43 -0.78 45.35
C ARG B 325 30.94 -0.41 45.29
N ARG B 326 30.08 -1.06 46.06
CA ARG B 326 28.66 -0.70 46.07
C ARG B 326 28.35 -0.06 47.41
N PHE B 327 28.21 1.27 47.40
CA PHE B 327 28.20 2.11 48.60
C PHE B 327 29.21 1.59 49.63
N ASP B 328 30.48 1.59 49.20
CA ASP B 328 31.54 0.91 49.93
C ASP B 328 32.40 1.97 50.59
N GLN B 329 32.29 2.05 51.91
CA GLN B 329 33.01 3.06 52.69
C GLN B 329 34.51 2.75 52.69
N LEU B 330 35.32 3.71 52.24
CA LEU B 330 36.77 3.52 52.16
C LEU B 330 37.45 4.03 53.41
N GLY B 331 36.76 4.91 54.12
CA GLY B 331 37.23 5.44 55.39
C GLY B 331 37.02 6.92 55.53
N GLU B 332 37.42 7.43 56.69
CA GLU B 332 37.34 8.86 56.97
C GLU B 332 38.75 9.41 57.01
N PHE B 333 38.94 10.56 56.38
CA PHE B 333 40.25 11.14 56.20
C PHE B 333 40.23 12.60 56.59
N ILE B 334 41.23 12.99 57.37
CA ILE B 334 41.41 14.37 57.77
C ILE B 334 42.23 15.08 56.70
N ARG B 335 41.56 15.98 56.00
CA ARG B 335 42.21 16.84 55.01
C ARG B 335 42.32 18.24 55.59
N PRO B 336 43.35 19.01 55.14
CA PRO B 336 43.61 20.35 55.69
C PRO B 336 42.36 21.22 55.75
N ASN B 337 41.46 21.04 54.80
CA ASN B 337 40.23 21.82 54.76
C ASN B 337 39.02 21.13 55.38
N GLY B 338 39.24 19.95 55.98
CA GLY B 338 38.19 19.29 56.75
C GLY B 338 38.22 17.77 56.70
N LYS B 339 37.54 17.16 57.67
CA LYS B 339 37.44 15.71 57.76
C LYS B 339 36.37 15.22 56.81
N VAL B 340 36.74 14.27 55.96
CA VAL B 340 35.83 13.79 54.94
C VAL B 340 35.67 12.27 55.03
N ARG B 341 34.55 11.78 54.50
CA ARG B 341 34.33 10.36 54.35
C ARG B 341 34.35 10.03 52.87
N LEU B 342 35.12 9.02 52.50
CA LEU B 342 35.23 8.59 51.10
C LEU B 342 34.46 7.30 50.91
N VAL B 343 33.56 7.29 49.93
CA VAL B 343 32.72 6.13 49.65
C VAL B 343 32.81 5.83 48.16
N ASP B 344 33.04 4.55 47.84
CA ASP B 344 33.01 4.10 46.46
C ASP B 344 31.61 3.66 46.12
N ASP B 345 31.13 4.07 44.97
CA ASP B 345 29.91 3.47 44.44
C ASP B 345 29.98 3.21 42.97
N TYR B 346 29.48 2.03 42.60
CA TYR B 346 29.57 1.51 41.24
C TYR B 346 28.50 2.07 40.30
N GLY B 347 27.51 2.77 40.84
CA GLY B 347 26.42 3.31 40.06
C GLY B 347 26.90 4.02 38.81
N HIS B 348 26.39 3.61 37.66
CA HIS B 348 26.91 4.08 36.38
C HIS B 348 25.78 4.40 35.41
N HIS B 349 24.56 4.17 35.84
CA HIS B 349 23.35 4.52 35.10
C HIS B 349 22.70 5.63 35.93
N PRO B 350 22.05 6.62 35.30
CA PRO B 350 21.48 7.75 36.04
C PRO B 350 20.60 7.32 37.23
N THR B 351 19.81 6.26 37.06
CA THR B 351 18.97 5.77 38.14
C THR B 351 19.80 5.37 39.35
N GLU B 352 20.91 4.71 39.07
CA GLU B 352 21.80 4.21 40.12
C GLU B 352 22.47 5.36 40.86
N VAL B 353 22.97 6.32 40.09
CA VAL B 353 23.58 7.51 40.67
C VAL B 353 22.55 8.22 41.55
N GLY B 354 21.31 8.30 41.06
CA GLY B 354 20.23 8.95 41.78
C GLY B 354 19.91 8.32 43.12
N VAL B 355 19.72 7.00 43.14
CA VAL B 355 19.37 6.33 44.40
C VAL B 355 20.53 6.37 45.38
N THR B 356 21.75 6.40 44.85
CA THR B 356 22.95 6.46 45.69
C THR B 356 23.08 7.84 46.35
N ILE B 357 22.89 8.90 45.57
CA ILE B 357 22.87 10.24 46.14
C ILE B 357 21.80 10.30 47.24
N LYS B 358 20.62 9.75 46.94
CA LYS B 358 19.49 9.82 47.86
C LYS B 358 19.80 9.08 49.16
N ALA B 359 20.37 7.87 49.04
CA ALA B 359 20.78 7.11 50.22
C ALA B 359 21.84 7.86 51.02
N ALA B 360 22.76 8.52 50.32
CA ALA B 360 23.81 9.30 50.97
C ALA B 360 23.18 10.43 51.76
N ARG B 361 22.33 11.21 51.09
CA ARG B 361 21.62 12.32 51.72
C ARG B 361 20.88 11.91 52.98
N GLU B 362 20.20 10.76 52.91
CA GLU B 362 19.39 10.27 54.02
C GLU B 362 20.19 9.83 55.24
N GLY B 363 21.49 9.67 55.08
CA GLY B 363 22.36 9.31 56.19
C GLY B 363 23.38 10.39 56.55
N TRP B 364 23.34 11.52 55.85
CA TRP B 364 24.40 12.52 55.99
C TRP B 364 23.98 13.88 56.56
N GLY B 365 22.74 13.98 57.05
CA GLY B 365 22.28 15.18 57.73
C GLY B 365 22.41 16.44 56.92
N ASP B 366 23.03 17.47 57.52
CA ASP B 366 23.15 18.77 56.88
C ASP B 366 24.52 18.99 56.22
N LYS B 367 25.30 17.93 56.09
CA LYS B 367 26.63 18.01 55.48
C LYS B 367 26.55 17.82 53.96
N ARG B 368 27.64 18.15 53.28
CA ARG B 368 27.67 18.14 51.83
C ARG B 368 27.92 16.76 51.23
N ILE B 369 27.35 16.54 50.05
CA ILE B 369 27.71 15.39 49.22
C ILE B 369 28.57 15.91 48.08
N VAL B 370 29.81 15.47 48.05
CA VAL B 370 30.76 15.79 47.00
C VAL B 370 30.84 14.54 46.14
N MSE B 371 30.89 14.71 44.83
CA MSE B 371 31.00 13.55 43.95
C MSE B 371 32.17 13.69 42.98
O MSE B 371 32.44 14.77 42.45
CB MSE B 371 29.69 13.30 43.20
CG MSE B 371 29.77 12.15 42.21
SE MSE B 371 28.06 11.68 41.44
CE MSE B 371 27.29 10.82 43.03
N ILE B 372 32.88 12.59 42.79
CA ILE B 372 33.84 12.43 41.72
C ILE B 372 33.19 11.43 40.79
N PHE B 373 32.69 11.92 39.67
CA PHE B 373 31.99 11.06 38.72
C PHE B 373 32.84 10.74 37.50
N GLN B 374 32.89 9.45 37.17
CA GLN B 374 33.51 9.00 35.95
C GLN B 374 32.44 8.29 35.11
N PRO B 375 32.04 8.91 34.00
CA PRO B 375 31.05 8.27 33.12
C PRO B 375 31.65 6.99 32.58
N HIS B 376 30.80 5.98 32.40
CA HIS B 376 31.23 4.70 31.88
C HIS B 376 30.58 4.54 30.51
N ARG B 377 31.42 4.49 29.48
CA ARG B 377 31.04 4.36 28.06
C ARG B 377 30.56 5.66 27.45
N TYR B 378 30.96 5.87 26.20
CA TYR B 378 30.42 6.95 25.40
C TYR B 378 28.99 6.63 24.98
N SER B 379 28.72 5.36 24.68
CA SER B 379 27.41 4.94 24.20
C SER B 379 26.34 5.26 25.25
N ARG B 380 26.63 4.89 26.49
CA ARG B 380 25.72 5.17 27.61
C ARG B 380 25.55 6.68 27.84
N THR B 381 26.66 7.42 27.77
CA THR B 381 26.64 8.86 27.98
C THR B 381 25.75 9.50 26.93
N ARG B 382 25.90 9.05 25.69
CA ARG B 382 25.06 9.50 24.58
C ARG B 382 23.60 9.16 24.81
N ASP B 383 23.32 7.91 25.14
CA ASP B 383 21.94 7.42 25.23
C ASP B 383 21.14 8.06 26.35
N LEU B 384 21.82 8.36 27.46
CA LEU B 384 21.17 8.84 28.68
C LEU B 384 21.67 10.20 29.13
N PHE B 385 22.19 10.97 28.17
CA PHE B 385 22.85 12.24 28.45
C PHE B 385 22.05 13.14 29.37
N ASP B 386 20.81 13.44 29.00
CA ASP B 386 20.00 14.39 29.74
C ASP B 386 19.72 13.90 31.17
N ASP B 387 19.55 12.59 31.31
CA ASP B 387 19.30 11.99 32.61
C ASP B 387 20.53 12.14 33.50
N PHE B 388 21.72 11.97 32.92
CA PHE B 388 22.95 12.15 33.68
C PHE B 388 23.07 13.59 34.15
N VAL B 389 22.78 14.52 33.25
CA VAL B 389 22.83 15.94 33.60
C VAL B 389 21.95 16.25 34.80
N GLN B 390 20.71 15.76 34.76
CA GLN B 390 19.76 16.02 35.85
C GLN B 390 20.19 15.40 37.16
N VAL B 391 20.62 14.15 37.12
CA VAL B 391 21.00 13.49 38.37
C VAL B 391 22.31 14.05 38.97
N LEU B 392 23.30 14.28 38.12
CA LEU B 392 24.59 14.77 38.59
C LEU B 392 24.50 16.21 39.11
N SER B 393 23.52 16.96 38.62
CA SER B 393 23.33 18.34 39.08
C SER B 393 22.80 18.45 40.52
N GLN B 394 22.49 17.30 41.14
CA GLN B 394 21.92 17.25 42.49
C GLN B 394 22.97 17.30 43.60
N VAL B 395 24.23 17.01 43.27
CA VAL B 395 25.28 17.03 44.29
C VAL B 395 25.73 18.45 44.62
N ASP B 396 26.42 18.60 45.74
CA ASP B 396 26.84 19.92 46.20
C ASP B 396 28.13 20.40 45.55
N ALA B 397 29.02 19.47 45.24
CA ALA B 397 30.26 19.76 44.54
C ALA B 397 30.53 18.57 43.65
N LEU B 398 30.97 18.84 42.43
CA LEU B 398 31.16 17.77 41.46
C LEU B 398 32.49 17.90 40.74
N ILE B 399 33.28 16.84 40.83
CA ILE B 399 34.46 16.68 40.01
C ILE B 399 34.12 15.62 38.98
N MSE B 400 34.42 15.90 37.72
CA MSE B 400 34.18 14.92 36.67
C MSE B 400 35.50 14.43 36.14
O MSE B 400 36.40 15.23 35.86
CB MSE B 400 33.36 15.52 35.53
CG MSE B 400 33.10 14.53 34.40
SE MSE B 400 31.22 14.37 33.87
CE MSE B 400 30.59 14.54 35.67
N LEU B 401 35.62 13.12 36.00
CA LEU B 401 36.74 12.52 35.30
C LEU B 401 36.32 12.26 33.88
N ASP B 402 37.28 12.08 32.99
CA ASP B 402 36.98 11.77 31.60
C ASP B 402 36.27 10.43 31.50
N VAL B 403 35.51 10.27 30.42
CA VAL B 403 34.77 9.04 30.18
C VAL B 403 35.71 7.84 30.24
N TYR B 404 35.28 6.81 30.97
CA TYR B 404 35.94 5.52 30.92
C TYR B 404 35.38 4.80 29.71
N ALA B 405 36.22 4.64 28.69
CA ALA B 405 35.76 4.20 27.36
C ALA B 405 35.20 2.78 27.35
N ALA B 406 35.76 1.91 28.19
CA ALA B 406 35.39 0.49 28.22
C ALA B 406 35.45 -0.12 26.80
N GLY B 407 36.50 0.23 26.07
CA GLY B 407 36.75 -0.33 24.75
C GLY B 407 36.04 0.39 23.62
N GLU B 408 35.27 1.42 23.95
CA GLU B 408 34.50 2.17 22.94
C GLU B 408 35.30 3.34 22.39
N ALA B 409 35.11 3.60 21.09
CA ALA B 409 35.64 4.81 20.48
C ALA B 409 34.86 6.03 20.99
N PRO B 410 35.52 7.18 21.09
CA PRO B 410 34.85 8.40 21.54
C PRO B 410 33.70 8.80 20.63
N ILE B 411 32.65 9.36 21.23
CA ILE B 411 31.53 9.91 20.49
C ILE B 411 31.44 11.40 20.81
N VAL B 412 31.42 12.21 19.75
CA VAL B 412 31.33 13.66 19.89
C VAL B 412 30.06 14.02 20.66
N GLY B 413 30.20 14.89 21.66
CA GLY B 413 29.08 15.37 22.45
C GLY B 413 28.67 14.45 23.58
N ALA B 414 29.28 13.27 23.65
CA ALA B 414 28.93 12.28 24.65
C ALA B 414 30.10 12.05 25.60
N ASP B 415 30.68 13.14 26.07
CA ASP B 415 31.89 13.07 26.87
C ASP B 415 31.76 13.95 28.11
N SER B 416 32.82 13.98 28.91
CA SER B 416 32.76 14.64 30.20
C SER B 416 32.73 16.16 30.08
N LYS B 417 33.46 16.71 29.12
CA LYS B 417 33.39 18.15 28.88
C LYS B 417 31.96 18.57 28.53
N SER B 418 31.26 17.74 27.75
CA SER B 418 29.87 18.00 27.37
C SER B 418 28.93 17.93 28.57
N LEU B 419 29.06 16.87 29.37
CA LEU B 419 28.27 16.73 30.59
C LEU B 419 28.49 17.90 31.54
N CYS B 420 29.76 18.29 31.71
CA CYS B 420 30.09 19.40 32.60
C CYS B 420 29.40 20.68 32.16
N ARG B 421 29.43 20.94 30.86
CA ARG B 421 28.81 22.11 30.28
C ARG B 421 27.30 22.12 30.56
N SER B 422 26.64 21.00 30.27
CA SER B 422 25.18 20.93 30.43
C SER B 422 24.75 21.07 31.88
N ILE B 423 25.55 20.51 32.79
CA ILE B 423 25.30 20.63 34.22
C ILE B 423 25.52 22.08 34.66
N ARG B 424 26.67 22.64 34.27
CA ARG B 424 27.03 24.03 34.60
C ARG B 424 25.91 24.99 34.20
N ASN B 425 25.37 24.77 33.00
CA ASN B 425 24.28 25.57 32.47
C ASN B 425 23.09 25.75 33.42
N LEU B 426 22.87 24.74 34.27
CA LEU B 426 21.75 24.75 35.21
C LEU B 426 21.91 25.76 36.34
N GLY B 427 23.13 26.24 36.56
CA GLY B 427 23.37 27.33 37.49
C GLY B 427 23.38 26.90 38.94
N LYS B 428 23.55 25.60 39.15
CA LYS B 428 23.71 25.05 40.50
C LYS B 428 25.19 24.69 40.67
N VAL B 429 25.49 23.42 40.84
CA VAL B 429 26.89 23.00 40.97
C VAL B 429 27.68 23.34 39.70
N ASP B 430 28.87 23.89 39.89
CA ASP B 430 29.80 24.18 38.81
C ASP B 430 30.84 23.05 38.80
N PRO B 431 30.73 22.12 37.86
CA PRO B 431 31.61 20.94 37.86
C PRO B 431 33.06 21.30 37.52
N ILE B 432 34.00 20.55 38.09
CA ILE B 432 35.39 20.71 37.72
C ILE B 432 35.81 19.45 36.97
N LEU B 433 36.26 19.63 35.74
CA LEU B 433 36.76 18.52 34.95
C LEU B 433 38.22 18.28 35.30
N VAL B 434 38.50 17.07 35.76
CA VAL B 434 39.87 16.67 36.09
C VAL B 434 40.31 15.59 35.11
N SER B 435 40.99 16.01 34.05
CA SER B 435 41.46 15.09 33.02
C SER B 435 42.76 14.42 33.42
N ASP B 436 43.56 15.12 34.23
CA ASP B 436 44.81 14.58 34.76
C ASP B 436 44.56 14.13 36.21
N THR B 437 44.34 12.84 36.40
CA THR B 437 43.95 12.31 37.72
C THR B 437 45.04 12.42 38.79
N SER B 438 46.28 12.68 38.38
CA SER B 438 47.37 12.94 39.32
C SER B 438 47.12 14.22 40.10
N GLN B 439 46.19 15.04 39.62
CA GLN B 439 45.82 16.30 40.26
C GLN B 439 44.54 16.20 41.09
N LEU B 440 43.92 15.02 41.07
CA LEU B 440 42.64 14.85 41.77
C LEU B 440 42.70 15.19 43.26
N GLY B 441 43.74 14.72 43.94
CA GLY B 441 43.91 14.96 45.36
C GLY B 441 43.99 16.44 45.69
N ASP B 442 44.78 17.17 44.90
CA ASP B 442 44.95 18.60 45.10
C ASP B 442 43.67 19.38 44.80
N VAL B 443 42.95 18.97 43.76
CA VAL B 443 41.68 19.61 43.42
C VAL B 443 40.64 19.39 44.52
N LEU B 444 40.53 18.15 44.99
CA LEU B 444 39.65 17.83 46.10
C LEU B 444 39.99 18.62 47.36
N ASP B 445 41.27 18.66 47.71
CA ASP B 445 41.71 19.39 48.90
C ASP B 445 41.27 20.85 48.86
N GLN B 446 41.28 21.45 47.68
CA GLN B 446 40.89 22.85 47.50
C GLN B 446 39.40 23.07 47.73
N ILE B 447 38.57 22.11 47.35
CA ILE B 447 37.12 22.29 47.43
C ILE B 447 36.45 21.64 48.65
N ILE B 448 37.20 20.79 49.35
CA ILE B 448 36.71 20.07 50.51
C ILE B 448 36.27 21.01 51.64
N GLN B 449 35.19 20.64 52.32
CA GLN B 449 34.76 21.28 53.56
C GLN B 449 34.65 20.20 54.64
N ASP B 450 34.77 20.61 55.90
CA ASP B 450 34.63 19.68 57.02
C ASP B 450 33.28 18.97 56.96
N GLY B 451 33.31 17.64 57.07
CA GLY B 451 32.10 16.85 57.09
C GLY B 451 31.63 16.33 55.74
N ASP B 452 32.33 16.69 54.67
CA ASP B 452 31.96 16.20 53.32
C ASP B 452 31.92 14.68 53.25
N LEU B 453 30.88 14.18 52.58
CA LEU B 453 30.89 12.82 52.08
C LEU B 453 31.31 12.90 50.63
N ILE B 454 32.38 12.18 50.29
CA ILE B 454 32.86 12.16 48.92
C ILE B 454 32.53 10.82 48.29
N LEU B 455 31.67 10.87 47.27
CA LEU B 455 31.29 9.68 46.53
C LEU B 455 32.16 9.58 45.30
N ALA B 456 32.97 8.52 45.25
CA ALA B 456 33.75 8.20 44.06
C ALA B 456 32.88 7.28 43.24
N GLN B 457 32.35 7.83 42.16
CA GLN B 457 31.16 7.27 41.51
C GLN B 457 31.44 6.78 40.10
N GLY B 458 31.14 5.52 39.85
CA GLY B 458 31.24 4.99 38.50
C GLY B 458 31.71 3.57 38.48
N ALA B 459 31.66 2.98 37.28
CA ALA B 459 31.92 1.54 37.13
C ALA B 459 33.29 1.22 36.54
N GLY B 460 34.05 2.26 36.18
CA GLY B 460 35.34 2.07 35.55
C GLY B 460 36.51 2.15 36.51
N SER B 461 37.57 2.82 36.06
CA SER B 461 38.81 2.92 36.83
C SER B 461 38.71 3.86 38.03
N VAL B 462 37.55 4.49 38.20
CA VAL B 462 37.33 5.43 39.31
C VAL B 462 37.64 4.83 40.70
N SER B 463 37.38 3.54 40.89
CA SER B 463 37.70 2.90 42.18
C SER B 463 39.21 2.69 42.40
N LYS B 464 39.93 2.40 41.32
CA LYS B 464 41.39 2.33 41.36
C LYS B 464 41.94 3.71 41.72
N ILE B 465 41.35 4.74 41.13
CA ILE B 465 41.75 6.12 41.37
C ILE B 465 41.45 6.54 42.82
N SER B 466 40.27 6.20 43.30
CA SER B 466 39.86 6.53 44.66
C SER B 466 40.70 5.79 45.70
N ARG B 467 41.04 4.53 45.41
CA ARG B 467 41.93 3.75 46.28
C ARG B 467 43.29 4.43 46.35
N GLY B 468 43.79 4.89 45.21
CA GLY B 468 45.08 5.57 45.13
C GLY B 468 45.06 6.87 45.90
N LEU B 469 43.92 7.54 45.82
CA LEU B 469 43.65 8.77 46.56
C LEU B 469 43.66 8.50 48.07
N ALA B 470 42.93 7.47 48.49
CA ALA B 470 42.86 7.05 49.88
C ALA B 470 44.25 6.65 50.42
N GLU B 471 45.00 5.92 49.60
CA GLU B 471 46.36 5.47 49.94
C GLU B 471 47.29 6.65 50.19
N SER B 472 47.22 7.66 49.32
CA SER B 472 48.00 8.88 49.48
C SER B 472 47.61 9.63 50.75
N TRP B 473 46.32 9.66 51.03
CA TRP B 473 45.81 10.25 52.26
C TRP B 473 46.09 9.34 53.46
MN MN C . -28.51 10.65 -43.86
MN MN D . -26.95 6.98 -38.94
N1 UMA E . -42.32 11.51 -34.38
C2 UMA E . -43.22 12.14 -33.49
N3 UMA E . -44.09 13.02 -33.96
C4 UMA E . -44.13 13.34 -35.26
C5 UMA E . -43.25 12.74 -36.16
C6 UMA E . -42.32 11.82 -35.68
O2 UMA E . -43.21 11.87 -32.27
O4 UMA E . -44.98 14.18 -35.65
C1B UMA E . -41.35 10.56 -33.80
C2B UMA E . -41.25 9.21 -34.48
O2' UMA E . -42.18 8.28 -33.96
C3B UMA E . -39.82 8.81 -34.15
C4B UMA E . -39.07 10.12 -34.01
O4B UMA E . -40.05 11.15 -33.87
O3B UMA E . -39.73 8.12 -32.92
C5B UMA E . -38.22 10.41 -35.24
O5B UMA E . -37.23 9.40 -35.32
PA UMA E . -35.75 9.75 -35.83
O1A UMA E . -34.89 8.57 -35.48
O2A UMA E . -35.85 10.24 -37.24
O3A UMA E . -35.50 11.02 -34.85
PB UMA E . -34.11 11.68 -34.36
O1B UMA E . -33.71 11.02 -33.06
O2B UMA E . -34.36 13.15 -34.43
O1' UMA E . -33.02 11.26 -35.46
C1' UMA E . -32.23 12.19 -36.19
C2' UMA E . -32.50 11.90 -37.66
N2' UMA E . -33.91 12.15 -37.94
C7' UMA E . -34.28 13.40 -38.57
O7' UMA E . -33.52 14.38 -38.63
C8' UMA E . -35.76 13.48 -38.97
C3' UMA E . -32.17 10.42 -37.91
O3' UMA E . -32.47 9.98 -39.23
C4' UMA E . -30.70 10.17 -37.59
O4' UMA E . -30.49 8.77 -37.73
C5' UMA E . -30.41 10.60 -36.15
O5' UMA E . -30.84 11.95 -35.90
C6' UMA E . -28.94 10.45 -35.78
O6' UMA E . -28.13 11.39 -36.48
C18 UMA E . -33.69 9.20 -39.31
C19 UMA E . -33.97 8.87 -40.75
O18 UMA E . -35.03 8.34 -41.03
C20 UMA E . -33.65 7.90 -38.49
N4 UMA E . -32.99 9.18 -41.62
C21 UMA E . -33.05 9.05 -43.07
C22 UMA E . -34.12 9.93 -43.69
O19 UMA E . -34.14 10.05 -44.93
O20 UMA E . -34.92 10.51 -42.94
C23 UMA E . -33.22 7.59 -43.50
PG ANP F . -27.85 7.96 -41.91
O1G ANP F . -27.67 8.26 -40.47
O2G ANP F . -29.28 7.50 -42.20
O3G ANP F . -27.55 9.18 -42.80
PB ANP F . -25.36 6.44 -41.75
O1B ANP F . -25.36 6.38 -40.27
O2B ANP F . -24.32 7.43 -42.29
N3B ANP F . -26.85 6.73 -42.32
PA ANP F . -25.04 3.61 -41.48
O1A ANP F . -23.81 3.31 -40.71
O2A ANP F . -26.36 3.51 -40.73
O3A ANP F . -24.92 4.99 -42.29
O5' ANP F . -25.07 2.60 -42.74
C5' ANP F . -26.25 2.55 -43.49
C4' ANP F . -26.02 1.65 -44.68
O4' ANP F . -25.04 2.21 -45.53
C3' ANP F . -25.47 0.29 -44.28
O3' ANP F . -26.53 -0.56 -43.91
C2' ANP F . -24.75 -0.12 -45.54
O2' ANP F . -25.73 -0.50 -46.49
C1' ANP F . -24.23 1.20 -46.08
N9 ANP F . -22.86 1.60 -45.71
C8 ANP F . -22.23 1.47 -44.50
N7 ANP F . -21.01 2.06 -44.60
C5 ANP F . -20.87 2.58 -45.84
C6 ANP F . -19.83 3.28 -46.46
N6 ANP F . -18.69 3.54 -45.87
N1 ANP F . -20.01 3.69 -47.77
C2 ANP F . -21.18 3.42 -48.45
N3 ANP F . -22.20 2.73 -47.82
C4 ANP F . -22.03 2.32 -46.54
MN MN G . 24.52 -3.90 33.00
MN MN H . 26.71 -6.64 38.19
N1 UMA I . 39.71 -7.42 28.15
C2 UMA I . 40.74 -8.12 27.52
N3 UMA I . 41.02 -7.87 26.23
C4 UMA I . 40.32 -6.97 25.53
C5 UMA I . 39.27 -6.27 26.13
C6 UMA I . 38.97 -6.52 27.47
O2 UMA I . 41.42 -8.97 28.15
O4 UMA I . 40.60 -6.77 24.33
C1B UMA I . 39.40 -7.71 29.54
C2B UMA I . 39.40 -6.51 30.46
O2' UMA I . 40.71 -6.14 30.85
C3B UMA I . 38.55 -7.03 31.61
C4B UMA I . 37.58 -8.01 30.93
O4B UMA I . 38.09 -8.26 29.64
O3B UMA I . 39.32 -7.73 32.57
C5B UMA I . 36.19 -7.42 30.80
O5B UMA I . 35.69 -7.21 32.11
PA UMA I . 34.14 -7.44 32.43
O1A UMA I . 34.06 -7.55 33.93
O2A UMA I . 33.35 -6.38 31.70
O3A UMA I . 33.96 -8.84 31.64
PB UMA I . 33.17 -10.18 32.04
O1B UMA I . 33.94 -10.91 33.10
O2B UMA I . 32.84 -10.84 30.73
O1' UMA I . 31.87 -9.66 32.79
C1' UMA I . 30.58 -9.80 32.17
C2' UMA I . 30.12 -8.40 31.77
N2' UMA I . 31.08 -7.85 30.84
C7' UMA I . 30.78 -7.86 29.43
O7' UMA I . 29.93 -8.61 28.92
C8' UMA I . 31.73 -7.01 28.57
C3' UMA I . 29.98 -7.52 33.03
O3' UMA I . 29.57 -6.17 32.75
C4' UMA I . 29.08 -8.21 34.05
O4' UMA I . 29.09 -7.48 35.26
C5' UMA I . 29.57 -9.63 34.33
O5' UMA I . 29.67 -10.35 33.11
C6' UMA I . 28.66 -10.40 35.29
O6' UMA I . 27.37 -10.58 34.73
C18 UMA I . 28.23 -5.94 32.28
C19 UMA I . 27.80 -4.56 32.69
O18 UMA I . 26.62 -4.23 32.65
C20 UMA I . 28.24 -5.93 30.75
N4 UMA I . 28.78 -3.75 33.07
C21 UMA I . 28.68 -2.32 32.80
C22 UMA I . 29.13 -1.98 31.40
O19 UMA I . 28.56 -1.04 30.83
O20 UMA I . 30.05 -2.63 30.87
C23 UMA I . 29.50 -1.54 33.82
PG ANP J . 25.74 -4.36 36.12
O1G ANP J . 26.24 -5.75 36.35
O2G ANP J . 26.91 -3.44 35.75
O3G ANP J . 24.72 -4.42 34.98
PB ANP J . 24.23 -4.61 38.61
O1B ANP J . 25.04 -5.82 38.98
O2B ANP J . 22.81 -4.92 38.16
N3B ANP J . 25.03 -3.76 37.45
PA ANP J . 24.91 -3.58 41.20
O1A ANP J . 24.34 -4.49 42.20
O2A ANP J . 26.39 -3.71 40.84
O3A ANP J . 24.02 -3.62 39.85
O5' ANP J . 24.60 -2.08 41.66
C5' ANP J . 25.24 -1.05 40.96
C4' ANP J . 24.72 0.28 41.47
O4' ANP J . 23.33 0.40 41.20
C3' ANP J . 24.83 0.42 42.98
O3' ANP J . 26.13 0.81 43.35
C2' ANP J . 23.78 1.46 43.26
O2' ANP J . 24.25 2.70 42.80
C1' ANP J . 22.69 1.07 42.27
N9 ANP J . 21.65 0.13 42.72
C8 ANP J . 21.76 -1.00 43.50
N7 ANP J . 20.55 -1.58 43.57
C5 ANP J . 19.67 -0.86 42.83
C6 ANP J . 18.31 -1.00 42.56
N6 ANP J . 17.64 -1.97 43.03
N1 ANP J . 17.69 -0.07 41.74
C2 ANP J . 18.42 0.96 41.21
N3 ANP J . 19.76 1.12 41.47
C4 ANP J . 20.37 0.20 42.28
#